data_3CVG
#
_entry.id   3CVG
#
_cell.length_a   150.782
_cell.length_b   150.782
_cell.length_c   116.687
_cell.angle_alpha   90.00
_cell.angle_beta   90.00
_cell.angle_gamma   90.00
#
_symmetry.space_group_name_H-M   'P 42 21 2'
#
loop_
_entity.id
_entity.type
_entity.pdbx_description
1 polymer 'Putative metal binding protein'
2 non-polymer 'CALCIUM ION'
3 water water
#
_entity_poly.entity_id   1
_entity_poly.type   'polypeptide(L)'
_entity_poly.pdbx_seq_one_letter_code
;(MSE)SLDPEDVYDGGYGSKHSPVQLRIGNGGAGQSGLVKELADAFIKSKVDSGSAPFKVAWYKSDTTVTINYLKDGIVD
VGITYSPVAERISIKHGISESPSYYAFRDHF(MSE)LIGPPSNPAKLSGDSDIAD(MSE)FSK(MSE)HDAAEAGNTKPP
VRFLSRYDKSATNIKEAELWLSIGQVPWATAYSTWYHQYITFPIQALTAAILLREYTITDYGTYLSIPRGLRDQ(MSE)V
IYKKGTNDADDPLLNPAHLLVGARAKNAE(MSE)AKEFAKWLVSKEGGQKVIEGFKKDGQQLYSPAPYRHEGHHHHHH
;
_entity_poly.pdbx_strand_id   A,B,C,D
#
loop_
_chem_comp.id
_chem_comp.type
_chem_comp.name
_chem_comp.formula
CA non-polymer 'CALCIUM ION' 'Ca 2'
#
# COMPACT_ATOMS: atom_id res chain seq x y z
N GLU A 6 -13.34 22.32 -13.64
CA GLU A 6 -14.35 21.66 -12.76
C GLU A 6 -15.62 22.49 -12.68
N ASP A 7 -15.50 23.78 -12.99
CA ASP A 7 -16.64 24.69 -12.94
C ASP A 7 -16.17 26.10 -13.26
N VAL A 8 -16.98 26.85 -14.00
CA VAL A 8 -16.63 28.22 -14.35
C VAL A 8 -17.74 29.14 -13.86
N TYR A 9 -17.35 30.30 -13.33
CA TYR A 9 -18.32 31.24 -12.80
C TYR A 9 -18.42 32.51 -13.64
N ASP A 10 -19.64 33.03 -13.78
CA ASP A 10 -19.88 34.21 -14.59
C ASP A 10 -20.24 35.47 -13.80
N GLY A 11 -20.31 35.37 -12.49
CA GLY A 11 -20.66 36.52 -11.68
C GLY A 11 -22.15 36.69 -11.49
N PRO A 19 -15.87 35.04 -22.23
CA PRO A 19 -14.40 35.08 -22.20
C PRO A 19 -13.85 34.73 -20.82
N VAL A 20 -12.87 33.83 -20.78
CA VAL A 20 -12.25 33.42 -19.53
C VAL A 20 -10.96 34.22 -19.32
N GLN A 21 -10.89 34.95 -18.22
CA GLN A 21 -9.70 35.76 -17.94
C GLN A 21 -9.11 35.55 -16.55
N LEU A 22 -9.42 34.41 -15.94
CA LEU A 22 -8.89 34.08 -14.62
C LEU A 22 -9.14 32.62 -14.28
N ARG A 23 -8.05 31.86 -14.19
CA ARG A 23 -8.11 30.44 -13.88
C ARG A 23 -7.47 30.21 -12.50
N ILE A 24 -8.23 29.58 -11.60
CA ILE A 24 -7.76 29.32 -10.24
C ILE A 24 -7.70 27.84 -9.92
N GLY A 25 -6.55 27.40 -9.42
CA GLY A 25 -6.40 26.01 -9.04
C GLY A 25 -6.51 25.92 -7.53
N ASN A 26 -7.39 25.04 -7.04
CA ASN A 26 -7.58 24.89 -5.61
C ASN A 26 -8.32 23.60 -5.32
N GLY A 27 -8.34 23.23 -4.03
CA GLY A 27 -9.03 22.02 -3.65
C GLY A 27 -10.24 22.26 -2.78
N GLY A 28 -10.00 22.41 -1.48
CA GLY A 28 -11.06 22.60 -0.51
C GLY A 28 -11.99 23.79 -0.60
N ALA A 29 -11.45 24.97 -0.85
CA ALA A 29 -12.29 26.18 -0.93
C ALA A 29 -13.25 26.14 -2.10
N GLY A 30 -12.85 25.52 -3.21
CA GLY A 30 -13.76 25.45 -4.34
C GLY A 30 -14.83 24.43 -4.01
N GLN A 31 -14.41 23.36 -3.35
CA GLN A 31 -15.27 22.26 -2.94
C GLN A 31 -16.28 22.71 -1.88
N SER A 32 -15.96 23.79 -1.18
CA SER A 32 -16.81 24.33 -0.12
C SER A 32 -17.75 25.40 -0.65
N GLY A 33 -17.48 25.88 -1.86
CA GLY A 33 -18.31 26.91 -2.45
C GLY A 33 -17.71 28.32 -2.37
N LEU A 34 -16.64 28.49 -1.60
CA LEU A 34 -16.04 29.81 -1.46
C LEU A 34 -15.50 30.40 -2.77
N VAL A 35 -14.86 29.56 -3.58
CA VAL A 35 -14.31 30.05 -4.84
C VAL A 35 -15.40 30.65 -5.73
N LYS A 36 -16.62 30.15 -5.59
CA LYS A 36 -17.75 30.67 -6.36
C LYS A 36 -18.06 32.08 -5.91
N GLU A 37 -18.27 32.23 -4.60
CA GLU A 37 -18.58 33.53 -4.00
C GLU A 37 -17.48 34.54 -4.34
N LEU A 38 -16.23 34.13 -4.14
CA LEU A 38 -15.09 34.99 -4.42
C LEU A 38 -15.08 35.45 -5.88
N ALA A 39 -15.12 34.49 -6.79
CA ALA A 39 -15.11 34.79 -8.22
C ALA A 39 -16.27 35.69 -8.66
N ASP A 40 -17.46 35.41 -8.17
CA ASP A 40 -18.62 36.22 -8.51
C ASP A 40 -18.48 37.63 -7.95
N ALA A 41 -17.78 37.75 -6.83
CA ALA A 41 -17.58 39.05 -6.20
C ALA A 41 -16.49 39.86 -6.90
N PHE A 42 -15.49 39.16 -7.43
CA PHE A 42 -14.40 39.83 -8.14
C PHE A 42 -14.91 40.30 -9.50
N ILE A 43 -15.53 39.38 -10.24
CA ILE A 43 -16.09 39.72 -11.55
C ILE A 43 -17.02 40.90 -11.33
N LYS A 44 -17.75 40.85 -10.22
CA LYS A 44 -18.70 41.89 -9.88
C LYS A 44 -18.02 43.26 -9.81
N SER A 45 -17.00 43.38 -8.96
CA SER A 45 -16.29 44.65 -8.80
C SER A 45 -15.50 45.17 -9.99
N LYS A 46 -15.09 44.29 -10.90
CA LYS A 46 -14.34 44.72 -12.07
C LYS A 46 -15.27 45.22 -13.16
N VAL A 47 -16.46 44.62 -13.26
CA VAL A 47 -17.45 45.03 -14.24
C VAL A 47 -18.26 46.17 -13.64
N ASP A 48 -18.70 45.97 -12.40
CA ASP A 48 -19.46 46.98 -11.66
C ASP A 48 -18.67 48.28 -11.77
N SER A 49 -17.40 48.12 -12.12
CA SER A 49 -16.50 49.25 -12.31
C SER A 49 -16.14 49.30 -13.79
N GLY A 50 -14.85 49.29 -14.08
CA GLY A 50 -14.38 49.34 -15.46
C GLY A 50 -14.22 47.94 -16.05
N PHE A 54 -16.37 39.11 -17.74
CA PHE A 54 -15.49 37.97 -17.92
C PHE A 54 -15.83 36.86 -16.92
N LYS A 55 -15.44 35.63 -17.26
CA LYS A 55 -15.70 34.48 -16.39
C LYS A 55 -14.45 34.08 -15.63
N VAL A 56 -14.64 33.29 -14.58
CA VAL A 56 -13.54 32.80 -13.75
C VAL A 56 -13.67 31.29 -13.62
N ALA A 57 -12.69 30.56 -14.15
CA ALA A 57 -12.72 29.11 -14.09
C ALA A 57 -11.91 28.56 -12.92
N TRP A 58 -12.46 27.54 -12.27
CA TRP A 58 -11.82 26.88 -11.13
C TRP A 58 -11.39 25.46 -11.47
N TYR A 59 -10.09 25.20 -11.34
CA TYR A 59 -9.52 23.88 -11.59
C TYR A 59 -9.30 23.20 -10.25
N LYS A 60 -9.85 22.00 -10.10
CA LYS A 60 -9.72 21.24 -8.86
C LYS A 60 -8.36 20.55 -8.77
N SER A 61 -7.59 20.90 -7.74
CA SER A 61 -6.27 20.32 -7.56
C SER A 61 -5.72 20.52 -6.15
N ASP A 62 -4.99 19.53 -5.65
CA ASP A 62 -4.41 19.64 -4.34
C ASP A 62 -3.24 20.60 -4.46
N THR A 63 -2.60 20.95 -3.35
CA THR A 63 -1.49 21.90 -3.40
C THR A 63 -0.38 21.55 -4.41
N THR A 64 0.06 20.28 -4.43
CA THR A 64 1.13 19.91 -5.35
C THR A 64 0.79 20.14 -6.82
N VAL A 65 -0.43 19.78 -7.20
CA VAL A 65 -0.88 19.92 -8.58
C VAL A 65 -1.10 21.39 -8.93
N THR A 66 -1.71 22.14 -8.01
CA THR A 66 -1.95 23.55 -8.23
C THR A 66 -0.64 24.22 -8.62
N ILE A 67 0.42 23.93 -7.87
CA ILE A 67 1.72 24.51 -8.17
C ILE A 67 2.24 23.98 -9.50
N ASN A 68 1.90 22.72 -9.82
CA ASN A 68 2.32 22.13 -11.08
C ASN A 68 1.61 22.85 -12.24
N TYR A 69 0.34 23.20 -12.00
CA TYR A 69 -0.43 23.93 -12.99
C TYR A 69 0.15 25.31 -13.21
N LEU A 70 0.48 25.99 -12.12
CA LEU A 70 1.05 27.33 -12.21
C LEU A 70 2.35 27.26 -13.02
N LYS A 71 3.08 26.15 -12.83
CA LYS A 71 4.34 25.96 -13.53
C LYS A 71 4.12 25.77 -15.02
N ASP A 72 3.12 24.97 -15.38
CA ASP A 72 2.84 24.71 -16.78
C ASP A 72 1.80 25.68 -17.34
N GLY A 73 1.52 26.73 -16.57
CA GLY A 73 0.56 27.74 -17.00
C GLY A 73 -0.86 27.27 -17.21
N ILE A 74 -1.28 26.20 -16.54
CA ILE A 74 -2.64 25.71 -16.69
C ILE A 74 -3.60 26.65 -15.97
N VAL A 75 -3.14 27.21 -14.86
CA VAL A 75 -3.94 28.15 -14.09
C VAL A 75 -3.13 29.43 -13.88
N ASP A 76 -3.81 30.50 -13.50
CA ASP A 76 -3.16 31.79 -13.28
C ASP A 76 -2.79 31.99 -11.81
N VAL A 77 -3.66 31.51 -10.94
CA VAL A 77 -3.44 31.63 -9.51
C VAL A 77 -3.78 30.31 -8.84
N GLY A 78 -3.38 30.18 -7.58
CA GLY A 78 -3.68 28.97 -6.85
C GLY A 78 -3.78 29.24 -5.37
N ILE A 79 -4.81 28.71 -4.75
CA ILE A 79 -4.97 28.88 -3.31
C ILE A 79 -4.40 27.57 -2.76
N THR A 80 -3.31 27.70 -2.02
CA THR A 80 -2.63 26.55 -1.48
C THR A 80 -2.67 26.47 0.04
N TYR A 81 -2.30 25.31 0.57
CA TYR A 81 -2.30 25.07 2.01
C TYR A 81 -0.98 24.56 2.54
N SER A 82 0.14 25.07 2.01
CA SER A 82 1.45 24.64 2.48
C SER A 82 2.49 25.75 2.37
N PRO A 83 2.71 26.50 3.46
CA PRO A 83 3.69 27.60 3.45
C PRO A 83 5.06 27.19 2.89
N VAL A 84 5.54 26.00 3.23
CA VAL A 84 6.85 25.57 2.73
C VAL A 84 6.86 25.34 1.23
N ALA A 85 5.82 24.67 0.74
CA ALA A 85 5.71 24.38 -0.68
C ALA A 85 5.56 25.70 -1.43
N GLU A 86 4.86 26.65 -0.80
CA GLU A 86 4.66 27.96 -1.40
C GLU A 86 6.02 28.66 -1.54
N ARG A 87 6.79 28.69 -0.45
CA ARG A 87 8.12 29.31 -0.47
C ARG A 87 9.03 28.72 -1.55
N ILE A 88 8.99 27.40 -1.70
CA ILE A 88 9.81 26.73 -2.68
C ILE A 88 9.36 27.02 -4.11
N SER A 89 8.05 27.13 -4.33
CA SER A 89 7.53 27.41 -5.66
C SER A 89 8.04 28.78 -6.12
N ILE A 90 8.14 29.71 -5.17
CA ILE A 90 8.62 31.06 -5.46
C ILE A 90 10.13 31.05 -5.70
N LYS A 91 10.85 30.26 -4.91
CA LYS A 91 12.30 30.17 -5.07
C LYS A 91 12.63 29.62 -6.46
N HIS A 92 11.74 28.79 -6.98
CA HIS A 92 11.94 28.18 -8.30
C HIS A 92 11.51 29.12 -9.42
N GLY A 93 10.86 30.22 -9.08
CA GLY A 93 10.40 31.16 -10.07
C GLY A 93 9.07 30.74 -10.69
N ILE A 94 8.45 29.73 -10.08
CA ILE A 94 7.16 29.24 -10.55
C ILE A 94 6.07 30.22 -10.15
N SER A 95 6.25 30.79 -8.96
CA SER A 95 5.29 31.75 -8.41
C SER A 95 5.92 33.11 -8.17
N GLU A 96 5.10 34.14 -8.24
CA GLU A 96 5.56 35.51 -7.99
C GLU A 96 5.76 35.69 -6.50
N SER A 97 6.64 36.60 -6.13
CA SER A 97 6.88 36.90 -4.73
C SER A 97 6.12 38.20 -4.48
N PRO A 98 5.40 38.29 -3.36
CA PRO A 98 5.24 37.28 -2.31
C PRO A 98 3.91 36.55 -2.46
N SER A 99 3.65 35.62 -1.55
CA SER A 99 2.40 34.88 -1.55
C SER A 99 1.42 35.80 -0.84
N TYR A 100 0.13 35.50 -0.93
CA TYR A 100 -0.90 36.34 -0.30
C TYR A 100 -1.73 35.50 0.69
N TYR A 101 -1.73 35.92 1.96
CA TYR A 101 -2.51 35.20 2.98
C TYR A 101 -3.98 35.47 2.64
N ALA A 102 -4.72 34.43 2.30
CA ALA A 102 -6.13 34.57 1.91
C ALA A 102 -7.15 34.37 3.04
N PHE A 103 -7.05 33.24 3.73
CA PHE A 103 -7.97 32.96 4.83
C PHE A 103 -7.44 31.86 5.72
N ARG A 104 -8.13 31.62 6.83
CA ARG A 104 -7.71 30.59 7.78
C ARG A 104 -8.77 29.52 7.98
N ASP A 105 -8.41 28.28 7.66
CA ASP A 105 -9.30 27.14 7.81
C ASP A 105 -8.85 26.44 9.10
N HIS A 106 -9.62 25.47 9.58
CA HIS A 106 -9.24 24.80 10.80
C HIS A 106 -9.48 23.29 10.78
N PHE A 107 -8.51 22.54 11.30
CA PHE A 107 -8.62 21.09 11.37
C PHE A 107 -9.19 20.77 12.76
N MSE A 108 -9.70 19.54 12.92
CA MSE A 108 -10.20 19.13 14.23
C MSE A 108 -10.01 17.62 14.42
O MSE A 108 -10.04 16.85 13.46
CB MSE A 108 -11.69 19.50 14.42
CG MSE A 108 -12.57 19.54 13.17
SE MSE A 108 -14.38 20.26 13.57
CE MSE A 108 -15.20 18.69 14.34
N LEU A 109 -9.77 17.24 15.67
CA LEU A 109 -9.62 15.83 16.02
C LEU A 109 -10.96 15.44 16.64
N ILE A 110 -11.63 14.46 16.05
CA ILE A 110 -12.92 14.03 16.57
C ILE A 110 -12.84 12.53 16.84
N GLY A 111 -13.73 12.04 17.71
CA GLY A 111 -13.74 10.62 18.03
C GLY A 111 -15.08 10.20 18.61
N PRO A 112 -15.26 8.90 18.89
CA PRO A 112 -16.53 8.42 19.45
C PRO A 112 -16.80 8.88 20.88
N PRO A 113 -18.09 8.98 21.25
CA PRO A 113 -18.49 9.41 22.59
C PRO A 113 -17.91 8.50 23.69
N SER A 114 -17.68 7.23 23.36
CA SER A 114 -17.12 6.29 24.34
C SER A 114 -15.70 6.66 24.74
N ASN A 115 -15.01 7.42 23.90
CA ASN A 115 -13.66 7.88 24.18
C ASN A 115 -12.76 6.80 24.78
N PRO A 116 -12.55 5.70 24.05
CA PRO A 116 -11.69 4.62 24.56
C PRO A 116 -10.25 5.04 24.86
N ALA A 117 -9.76 6.06 24.16
CA ALA A 117 -8.41 6.55 24.37
C ALA A 117 -8.36 7.45 25.62
N LYS A 118 -9.54 7.73 26.17
CA LYS A 118 -9.66 8.57 27.36
C LYS A 118 -8.97 9.92 27.22
N LEU A 119 -9.22 10.58 26.08
CA LEU A 119 -8.65 11.88 25.79
C LEU A 119 -9.30 12.97 26.63
N SER A 120 -8.46 13.89 27.15
CA SER A 120 -8.93 15.00 27.96
C SER A 120 -8.86 16.30 27.16
N GLY A 121 -10.01 16.94 27.00
CA GLY A 121 -10.10 18.17 26.24
C GLY A 121 -9.01 19.23 26.37
N ASP A 122 -8.43 19.39 27.56
CA ASP A 122 -7.40 20.39 27.75
C ASP A 122 -6.01 19.98 27.28
N SER A 123 -5.78 18.67 27.13
CA SER A 123 -4.49 18.15 26.69
C SER A 123 -4.04 18.80 25.38
N ASP A 124 -2.73 18.83 25.15
CA ASP A 124 -2.17 19.37 23.91
C ASP A 124 -2.45 18.32 22.84
N ILE A 125 -2.60 18.74 21.59
CA ILE A 125 -2.89 17.79 20.52
C ILE A 125 -1.85 16.67 20.43
N ALA A 126 -0.59 17.00 20.65
CA ALA A 126 0.49 16.01 20.60
C ALA A 126 0.28 14.94 21.68
N ASP A 127 -0.11 15.36 22.88
CA ASP A 127 -0.32 14.41 23.95
C ASP A 127 -1.56 13.55 23.68
N MSE A 128 -2.50 14.08 22.89
CA MSE A 128 -3.68 13.30 22.55
C MSE A 128 -3.26 12.18 21.62
O MSE A 128 -3.69 11.04 21.76
CB MSE A 128 -4.75 14.19 21.86
CG MSE A 128 -5.57 14.99 22.84
SE MSE A 128 -6.86 16.12 21.99
CE MSE A 128 -5.87 17.77 22.03
N PHE A 129 -2.39 12.50 20.67
CA PHE A 129 -1.88 11.51 19.73
C PHE A 129 -1.07 10.46 20.48
N SER A 130 -0.28 10.88 21.45
CA SER A 130 0.52 9.95 22.24
C SER A 130 -0.42 8.98 22.99
N LYS A 131 -1.50 9.53 23.53
CA LYS A 131 -2.47 8.73 24.28
C LYS A 131 -3.19 7.72 23.38
N MSE A 132 -3.62 8.16 22.20
CA MSE A 132 -4.29 7.26 21.28
C MSE A 132 -3.37 6.10 20.90
O MSE A 132 -3.77 4.94 20.92
CB MSE A 132 -4.72 7.99 20.00
CG MSE A 132 -6.02 8.81 20.14
SE MSE A 132 -6.61 9.66 18.47
CE MSE A 132 -6.63 8.10 17.34
N HIS A 133 -2.12 6.43 20.58
CA HIS A 133 -1.14 5.41 20.20
C HIS A 133 -1.01 4.30 21.25
N ASP A 134 -0.75 4.69 22.49
CA ASP A 134 -0.57 3.73 23.58
C ASP A 134 -1.84 2.91 23.82
N ALA A 135 -2.99 3.56 23.77
CA ALA A 135 -4.26 2.87 23.99
C ALA A 135 -4.54 1.93 22.81
N ALA A 136 -4.17 2.34 21.61
CA ALA A 136 -4.40 1.51 20.44
C ALA A 136 -3.47 0.30 20.54
N GLU A 137 -2.23 0.54 20.96
CA GLU A 137 -1.27 -0.54 21.11
C GLU A 137 -1.74 -1.54 22.18
N ALA A 138 -2.38 -1.04 23.23
CA ALA A 138 -2.90 -1.93 24.28
C ALA A 138 -4.02 -2.79 23.72
N GLY A 139 -4.76 -2.22 22.76
CA GLY A 139 -5.85 -2.93 22.11
C GLY A 139 -6.86 -3.64 22.98
N ASN A 140 -6.97 -3.22 24.24
CA ASN A 140 -7.91 -3.84 25.17
C ASN A 140 -8.92 -2.84 25.69
N THR A 141 -9.55 -2.10 24.78
CA THR A 141 -10.55 -1.12 25.16
C THR A 141 -11.80 -1.39 24.38
N LYS A 142 -12.92 -0.81 24.81
CA LYS A 142 -14.17 -1.00 24.12
C LYS A 142 -14.80 0.35 23.80
N PRO A 143 -14.85 0.71 22.51
CA PRO A 143 -14.33 -0.13 21.42
C PRO A 143 -12.81 0.02 21.31
N PRO A 144 -12.18 -0.74 20.40
CA PRO A 144 -10.72 -0.57 20.31
C PRO A 144 -10.41 0.81 19.75
N VAL A 145 -9.25 1.35 20.10
CA VAL A 145 -8.85 2.67 19.61
C VAL A 145 -8.31 2.53 18.19
N ARG A 146 -8.98 3.15 17.23
CA ARG A 146 -8.55 3.13 15.84
C ARG A 146 -8.55 4.57 15.29
N PHE A 147 -7.66 4.84 14.34
CA PHE A 147 -7.55 6.18 13.74
C PHE A 147 -7.72 6.09 12.23
N LEU A 148 -8.67 6.87 11.69
CA LEU A 148 -8.94 6.85 10.25
C LEU A 148 -8.12 7.88 9.46
N SER A 149 -7.36 7.37 8.51
CA SER A 149 -6.54 8.20 7.65
C SER A 149 -7.04 8.13 6.20
N ARG A 150 -7.20 9.28 5.57
CA ARG A 150 -7.64 9.30 4.18
C ARG A 150 -6.53 8.78 3.26
N TYR A 151 -5.29 8.77 3.77
CA TYR A 151 -4.13 8.20 3.05
C TYR A 151 -4.16 8.55 1.56
N ASP A 152 -4.37 9.83 1.27
CA ASP A 152 -4.51 10.28 -0.11
C ASP A 152 -3.67 11.50 -0.50
N LYS A 153 -2.61 11.78 0.27
CA LYS A 153 -1.73 12.90 -0.04
C LYS A 153 -2.39 14.28 0.14
N SER A 154 -3.60 14.31 0.68
CA SER A 154 -4.30 15.58 0.89
C SER A 154 -3.76 16.37 2.07
N ALA A 155 -4.20 17.62 2.19
CA ALA A 155 -3.78 18.46 3.30
C ALA A 155 -4.10 17.75 4.63
N THR A 156 -5.29 17.13 4.70
CA THR A 156 -5.68 16.41 5.92
C THR A 156 -4.69 15.26 6.20
N ASN A 157 -4.38 14.47 5.17
CA ASN A 157 -3.44 13.36 5.32
C ASN A 157 -2.08 13.90 5.79
N ILE A 158 -1.61 14.97 5.15
CA ILE A 158 -0.33 15.56 5.53
C ILE A 158 -0.37 15.91 7.03
N LYS A 159 -1.47 16.53 7.44
CA LYS A 159 -1.64 16.97 8.83
C LYS A 159 -1.54 15.83 9.86
N GLU A 160 -2.35 14.78 9.70
CA GLU A 160 -2.25 13.72 10.68
C GLU A 160 -0.93 12.98 10.60
N ALA A 161 -0.37 12.89 9.39
CA ALA A 161 0.90 12.18 9.20
C ALA A 161 1.90 12.99 10.03
N GLU A 162 1.85 14.31 9.87
CA GLU A 162 2.70 15.23 10.58
C GLU A 162 2.54 15.04 12.10
N LEU A 163 1.30 14.95 12.58
CA LEU A 163 1.04 14.80 14.02
C LEU A 163 1.63 13.50 14.57
N TRP A 164 1.45 12.40 13.84
CA TRP A 164 2.03 11.12 14.30
C TRP A 164 3.56 11.21 14.40
N LEU A 165 4.18 11.73 13.36
CA LEU A 165 5.63 11.87 13.36
C LEU A 165 6.10 12.78 14.50
N SER A 166 5.31 13.80 14.85
CA SER A 166 5.67 14.73 15.93
C SER A 166 5.87 14.01 17.27
N ILE A 167 5.24 12.86 17.44
CA ILE A 167 5.42 12.11 18.69
C ILE A 167 6.30 10.87 18.47
N GLY A 168 7.05 10.86 17.38
CA GLY A 168 7.95 9.75 17.08
C GLY A 168 7.35 8.45 16.59
N GLN A 169 6.16 8.50 16.01
CA GLN A 169 5.51 7.29 15.51
C GLN A 169 5.33 7.30 13.99
N VAL A 170 5.41 6.11 13.39
CA VAL A 170 5.22 5.96 11.95
C VAL A 170 4.27 4.77 11.79
N PRO A 171 2.96 4.99 12.03
CA PRO A 171 1.92 3.95 11.94
C PRO A 171 1.84 3.17 10.64
N TRP A 172 2.12 3.84 9.52
CA TRP A 172 2.04 3.20 8.20
C TRP A 172 3.26 2.37 7.84
N ALA A 173 4.39 2.63 8.50
CA ALA A 173 5.63 1.90 8.23
C ALA A 173 5.57 0.48 8.79
N THR A 174 6.42 -0.41 8.25
CA THR A 174 6.36 -1.80 8.71
C THR A 174 6.52 -2.03 10.16
N ALA A 175 5.71 -3.01 10.54
CA ALA A 175 5.43 -3.41 11.86
C ALA A 175 4.21 -2.49 11.70
N TYR A 176 3.51 -2.65 10.57
CA TYR A 176 2.33 -1.83 10.27
C TYR A 176 1.34 -1.82 11.42
N SER A 177 0.93 -0.63 11.84
CA SER A 177 -0.04 -0.49 12.93
C SER A 177 -1.43 -0.71 12.35
N THR A 178 -2.00 -1.88 12.65
CA THR A 178 -3.30 -2.24 12.11
C THR A 178 -4.45 -1.35 12.52
N TRP A 179 -4.29 -0.60 13.62
CA TRP A 179 -5.33 0.34 14.06
C TRP A 179 -5.30 1.63 13.21
N TYR A 180 -4.27 1.78 12.38
CA TYR A 180 -4.14 2.94 11.50
C TYR A 180 -4.96 2.54 10.28
N HIS A 181 -6.20 3.02 10.27
CA HIS A 181 -7.18 2.69 9.24
C HIS A 181 -7.20 3.57 8.00
N GLN A 182 -6.86 2.95 6.88
CA GLN A 182 -6.84 3.62 5.58
C GLN A 182 -8.21 3.53 4.94
N TYR A 183 -8.87 4.68 4.82
CA TYR A 183 -10.19 4.74 4.18
C TYR A 183 -10.02 5.87 3.17
N ILE A 184 -9.66 5.50 1.95
CA ILE A 184 -9.36 6.44 0.89
C ILE A 184 -10.55 7.00 0.14
N THR A 185 -11.05 8.13 0.63
CA THR A 185 -12.21 8.80 0.03
C THR A 185 -12.14 10.30 0.26
N PHE A 186 -13.15 11.02 -0.21
CA PHE A 186 -13.24 12.47 -0.03
C PHE A 186 -13.59 12.74 1.43
N PRO A 187 -13.44 14.01 1.88
CA PRO A 187 -13.71 14.46 3.24
C PRO A 187 -14.99 13.98 3.92
N ILE A 188 -16.15 14.25 3.31
CA ILE A 188 -17.42 13.88 3.90
C ILE A 188 -17.56 12.38 4.15
N GLN A 189 -17.26 11.57 3.14
CA GLN A 189 -17.33 10.12 3.29
C GLN A 189 -16.40 9.64 4.41
N ALA A 190 -15.18 10.15 4.43
CA ALA A 190 -14.21 9.76 5.47
C ALA A 190 -14.68 10.08 6.89
N LEU A 191 -15.24 11.28 7.09
CA LEU A 191 -15.73 11.64 8.41
C LEU A 191 -16.92 10.77 8.78
N THR A 192 -17.82 10.55 7.82
CA THR A 192 -18.99 9.72 8.03
C THR A 192 -18.55 8.31 8.46
N ALA A 193 -17.54 7.79 7.77
CA ALA A 193 -17.02 6.45 8.08
C ALA A 193 -16.42 6.39 9.47
N ALA A 194 -15.64 7.41 9.85
CA ALA A 194 -15.01 7.44 11.17
C ALA A 194 -16.06 7.40 12.27
N ILE A 195 -17.13 8.13 12.05
CA ILE A 195 -18.22 8.20 13.03
C ILE A 195 -18.95 6.87 13.13
N LEU A 196 -19.30 6.30 11.98
CA LEU A 196 -20.02 5.02 11.95
C LEU A 196 -19.18 3.89 12.53
N LEU A 197 -17.87 3.95 12.32
CA LEU A 197 -16.97 2.92 12.80
C LEU A 197 -16.44 3.17 14.19
N ARG A 198 -16.81 4.30 14.78
CA ARG A 198 -16.34 4.67 16.11
C ARG A 198 -14.82 4.82 16.17
N GLU A 199 -14.26 5.58 15.23
CA GLU A 199 -12.82 5.81 15.19
C GLU A 199 -12.52 7.29 15.32
N TYR A 200 -11.30 7.60 15.76
CA TYR A 200 -10.87 8.97 15.87
C TYR A 200 -10.34 9.33 14.48
N THR A 201 -10.37 10.62 14.16
CA THR A 201 -9.85 11.06 12.87
C THR A 201 -9.66 12.57 12.86
N ILE A 202 -8.74 13.02 12.01
CA ILE A 202 -8.52 14.44 11.84
C ILE A 202 -9.38 14.77 10.63
N THR A 203 -10.19 15.82 10.77
CA THR A 203 -11.09 16.25 9.72
C THR A 203 -11.03 17.79 9.73
N ASP A 204 -11.89 18.45 8.96
CA ASP A 204 -11.86 19.91 8.96
C ASP A 204 -13.23 20.47 9.30
N TYR A 205 -13.24 21.72 9.75
CA TYR A 205 -14.49 22.37 10.15
C TYR A 205 -15.60 22.33 9.10
N GLY A 206 -15.25 22.64 7.85
CA GLY A 206 -16.23 22.65 6.77
C GLY A 206 -16.88 21.30 6.49
N THR A 207 -16.09 20.24 6.58
CA THR A 207 -16.59 18.90 6.35
C THR A 207 -17.55 18.56 7.49
N TYR A 208 -17.18 18.94 8.71
CA TYR A 208 -18.00 18.71 9.88
C TYR A 208 -19.40 19.35 9.71
N LEU A 209 -19.41 20.59 9.23
CA LEU A 209 -20.67 21.30 9.03
C LEU A 209 -21.46 20.73 7.86
N SER A 210 -20.84 19.82 7.12
CA SER A 210 -21.49 19.21 5.98
C SER A 210 -22.22 17.91 6.28
N ILE A 211 -21.92 17.28 7.41
CA ILE A 211 -22.57 16.01 7.72
C ILE A 211 -23.87 16.21 8.50
N PRO A 212 -24.78 15.22 8.41
CA PRO A 212 -26.07 15.31 9.12
C PRO A 212 -25.91 15.65 10.60
N ARG A 213 -26.82 16.45 11.13
CA ARG A 213 -26.75 16.81 12.55
C ARG A 213 -26.75 15.55 13.40
N GLY A 214 -27.56 14.57 12.99
CA GLY A 214 -27.65 13.32 13.73
C GLY A 214 -26.30 12.66 13.94
N LEU A 215 -25.45 12.65 12.92
CA LEU A 215 -24.14 12.04 13.04
C LEU A 215 -23.23 12.79 14.01
N ARG A 216 -23.37 14.12 14.03
CA ARG A 216 -22.54 14.93 14.92
C ARG A 216 -22.79 14.57 16.38
N ASP A 217 -23.95 13.98 16.66
CA ASP A 217 -24.27 13.56 18.01
C ASP A 217 -23.63 12.22 18.34
N GLN A 218 -23.14 11.54 17.31
CA GLN A 218 -22.50 10.24 17.48
C GLN A 218 -20.97 10.40 17.52
N MSE A 219 -20.53 11.64 17.70
CA MSE A 219 -19.11 11.95 17.77
C MSE A 219 -18.85 13.11 18.73
O MSE A 219 -19.77 13.84 19.09
CB MSE A 219 -18.54 12.29 16.39
CG MSE A 219 -19.34 13.34 15.62
SE MSE A 219 -18.18 14.50 14.55
CE MSE A 219 -17.61 15.65 15.99
N VAL A 220 -17.60 13.27 19.13
CA VAL A 220 -17.18 14.32 20.04
C VAL A 220 -15.98 15.07 19.46
N ILE A 221 -15.97 16.40 19.62
CA ILE A 221 -14.85 17.20 19.14
C ILE A 221 -13.84 17.26 20.27
N TYR A 222 -12.72 16.58 20.12
CA TYR A 222 -11.70 16.58 21.16
C TYR A 222 -10.73 17.76 21.05
N LYS A 223 -10.63 18.32 19.86
CA LYS A 223 -9.74 19.46 19.66
C LYS A 223 -10.05 20.14 18.34
N LYS A 224 -10.26 21.45 18.39
CA LYS A 224 -10.55 22.24 17.20
C LYS A 224 -9.46 23.29 17.08
N GLY A 225 -8.94 23.46 15.87
CA GLY A 225 -7.88 24.43 15.66
C GLY A 225 -8.32 25.85 15.94
N THR A 226 -7.42 26.64 16.52
CA THR A 226 -7.70 28.04 16.81
C THR A 226 -6.99 28.86 15.74
N ASN A 227 -7.00 30.17 15.88
CA ASN A 227 -6.31 31.02 14.91
C ASN A 227 -4.91 31.39 15.35
N ASP A 228 -4.46 30.84 16.47
CA ASP A 228 -3.11 31.12 16.93
C ASP A 228 -2.17 30.64 15.84
N ALA A 229 -1.19 31.49 15.49
CA ALA A 229 -0.23 31.18 14.43
C ALA A 229 0.50 29.85 14.53
N ASP A 230 0.79 29.41 15.75
CA ASP A 230 1.53 28.16 15.92
C ASP A 230 0.66 26.94 16.27
N ASP A 231 -0.65 27.10 16.20
CA ASP A 231 -1.56 25.99 16.50
C ASP A 231 -1.40 24.96 15.38
N PRO A 232 -0.97 23.74 15.70
CA PRO A 232 -0.80 22.72 14.65
C PRO A 232 -2.06 22.50 13.82
N LEU A 233 -3.24 22.66 14.44
CA LEU A 233 -4.49 22.45 13.73
C LEU A 233 -4.98 23.65 12.91
N LEU A 234 -4.15 24.67 12.77
CA LEU A 234 -4.53 25.83 11.95
C LEU A 234 -4.24 25.46 10.51
N ASN A 235 -5.14 25.77 9.58
CA ASN A 235 -4.93 25.43 8.18
C ASN A 235 -4.96 26.70 7.32
N PRO A 236 -3.83 27.41 7.27
CA PRO A 236 -3.74 28.65 6.48
C PRO A 236 -3.79 28.43 4.97
N ALA A 237 -4.47 29.34 4.29
CA ALA A 237 -4.61 29.29 2.85
C ALA A 237 -3.97 30.53 2.26
N HIS A 238 -3.12 30.34 1.27
CA HIS A 238 -2.42 31.44 0.60
C HIS A 238 -2.70 31.39 -0.90
N LEU A 239 -2.64 32.56 -1.54
CA LEU A 239 -2.84 32.63 -2.99
C LEU A 239 -1.47 32.78 -3.64
N LEU A 240 -1.27 32.08 -4.76
CA LEU A 240 -0.01 32.16 -5.48
C LEU A 240 -0.27 32.73 -6.86
N VAL A 241 0.51 33.73 -7.24
CA VAL A 241 0.38 34.34 -8.55
C VAL A 241 1.46 33.72 -9.44
N GLY A 242 1.01 33.05 -10.50
CA GLY A 242 1.95 32.41 -11.41
C GLY A 242 2.88 33.39 -12.09
N ALA A 243 4.16 33.03 -12.20
CA ALA A 243 5.14 33.89 -12.83
C ALA A 243 4.94 33.94 -14.35
N ARG A 244 4.61 32.79 -14.93
CA ARG A 244 4.39 32.66 -16.37
C ARG A 244 2.90 32.78 -16.69
N ALA A 245 2.12 33.10 -15.66
CA ALA A 245 0.67 33.21 -15.80
C ALA A 245 0.17 34.05 -16.95
N LYS A 246 -0.86 33.53 -17.61
CA LYS A 246 -1.54 34.20 -18.71
C LYS A 246 -2.50 35.11 -17.95
N ASN A 247 -3.00 36.17 -18.57
CA ASN A 247 -3.91 37.07 -17.87
C ASN A 247 -3.19 37.58 -16.63
N ALA A 248 -1.91 37.89 -16.77
CA ALA A 248 -1.09 38.37 -15.66
C ALA A 248 -1.68 39.53 -14.85
N GLU A 249 -2.04 40.62 -15.53
CA GLU A 249 -2.59 41.78 -14.84
C GLU A 249 -3.83 41.50 -14.00
N MSE A 250 -4.66 40.55 -14.44
CA MSE A 250 -5.86 40.20 -13.70
C MSE A 250 -5.56 39.33 -12.49
O MSE A 250 -6.24 39.40 -11.47
CB MSE A 250 -6.84 39.50 -14.62
CG MSE A 250 -7.77 40.47 -15.31
SE MSE A 250 -9.42 40.72 -14.34
CE MSE A 250 -10.58 40.10 -15.76
N ALA A 251 -4.52 38.50 -12.61
CA ALA A 251 -4.10 37.65 -11.51
C ALA A 251 -3.61 38.57 -10.41
N LYS A 252 -2.97 39.67 -10.82
CA LYS A 252 -2.44 40.67 -9.90
C LYS A 252 -3.62 41.42 -9.29
N GLU A 253 -4.66 41.62 -10.10
CA GLU A 253 -5.86 42.31 -9.66
C GLU A 253 -6.60 41.46 -8.63
N PHE A 254 -6.77 40.18 -8.95
CA PHE A 254 -7.46 39.27 -8.05
C PHE A 254 -6.69 39.19 -6.73
N ALA A 255 -5.38 39.01 -6.81
CA ALA A 255 -4.55 38.91 -5.62
C ALA A 255 -4.80 40.10 -4.69
N LYS A 256 -4.65 41.31 -5.24
CA LYS A 256 -4.86 42.55 -4.48
C LYS A 256 -6.26 42.64 -3.88
N TRP A 257 -7.25 42.33 -4.70
CA TRP A 257 -8.66 42.36 -4.27
C TRP A 257 -8.92 41.38 -3.13
N LEU A 258 -8.42 40.16 -3.29
CA LEU A 258 -8.61 39.10 -2.29
C LEU A 258 -8.22 39.48 -0.86
N VAL A 259 -7.11 40.20 -0.71
CA VAL A 259 -6.66 40.57 0.64
C VAL A 259 -7.19 41.89 1.17
N SER A 260 -7.85 42.66 0.33
CA SER A 260 -8.41 43.94 0.76
C SER A 260 -9.59 43.69 1.69
N LYS A 261 -9.70 44.49 2.74
CA LYS A 261 -10.79 44.36 3.69
C LYS A 261 -12.10 44.55 2.95
N GLU A 262 -12.04 45.35 1.88
CA GLU A 262 -13.20 45.68 1.06
C GLU A 262 -13.74 44.57 0.18
N GLY A 263 -12.84 43.82 -0.45
CA GLY A 263 -13.27 42.75 -1.34
C GLY A 263 -13.23 41.35 -0.76
N GLY A 264 -12.18 40.62 -1.10
CA GLY A 264 -12.02 39.25 -0.64
C GLY A 264 -12.32 38.97 0.82
N GLN A 265 -11.71 39.74 1.72
CA GLN A 265 -11.90 39.54 3.15
C GLN A 265 -13.34 39.72 3.61
N LYS A 266 -14.07 40.62 2.97
CA LYS A 266 -15.47 40.85 3.33
C LYS A 266 -16.31 39.64 2.94
N VAL A 267 -16.04 39.08 1.76
CA VAL A 267 -16.77 37.92 1.26
C VAL A 267 -16.49 36.68 2.10
N ILE A 268 -15.25 36.55 2.56
CA ILE A 268 -14.87 35.42 3.39
C ILE A 268 -15.51 35.52 4.77
N GLU A 269 -15.45 36.71 5.35
CA GLU A 269 -16.02 36.95 6.67
C GLU A 269 -17.52 36.64 6.69
N GLY A 270 -18.16 36.71 5.53
CA GLY A 270 -19.58 36.45 5.46
C GLY A 270 -19.97 35.12 4.82
N PHE A 271 -18.99 34.33 4.40
CA PHE A 271 -19.28 33.04 3.77
C PHE A 271 -19.68 32.02 4.82
N LYS A 272 -20.90 31.54 4.74
CA LYS A 272 -21.40 30.60 5.73
C LYS A 272 -21.79 29.21 5.23
N LYS A 273 -21.87 28.28 6.17
CA LYS A 273 -22.29 26.91 5.91
C LYS A 273 -22.97 26.40 7.18
N ASP A 274 -24.20 25.93 7.01
CA ASP A 274 -25.00 25.45 8.12
C ASP A 274 -25.14 26.57 9.14
N GLY A 275 -25.24 27.80 8.64
CA GLY A 275 -25.40 28.96 9.52
C GLY A 275 -24.19 29.38 10.32
N GLN A 276 -23.00 28.90 9.93
CA GLN A 276 -21.78 29.25 10.65
C GLN A 276 -20.75 29.85 9.70
N GLN A 277 -19.95 30.78 10.19
CA GLN A 277 -18.90 31.36 9.35
C GLN A 277 -17.94 30.19 9.14
N LEU A 278 -17.70 29.84 7.89
CA LEU A 278 -16.83 28.70 7.59
C LEU A 278 -15.35 28.94 7.88
N TYR A 279 -14.81 30.01 7.31
CA TYR A 279 -13.40 30.35 7.46
C TYR A 279 -13.18 31.67 8.19
N SER A 280 -11.99 31.81 8.80
CA SER A 280 -11.65 33.04 9.47
C SER A 280 -10.90 33.92 8.48
N PRO A 281 -11.06 35.24 8.57
CA PRO A 281 -10.38 36.15 7.66
C PRO A 281 -8.87 36.02 7.87
N ALA A 282 -8.09 36.44 6.90
CA ALA A 282 -6.63 36.40 7.04
C ALA A 282 -6.25 37.30 8.22
N PRO A 283 -5.09 37.07 8.84
CA PRO A 283 -4.67 37.89 9.98
C PRO A 283 -4.50 39.37 9.59
N TYR A 284 -4.68 40.27 10.55
CA TYR A 284 -4.53 41.70 10.32
C TYR A 284 -3.20 42.02 9.65
N ARG A 285 -3.24 42.88 8.65
CA ARG A 285 -2.04 43.30 7.93
C ARG A 285 -2.24 44.72 7.42
N GLU B 6 -7.94 -15.58 23.67
CA GLU B 6 -9.14 -14.73 23.85
C GLU B 6 -9.93 -15.20 25.07
N ASP B 7 -9.85 -16.50 25.36
CA ASP B 7 -10.55 -17.05 26.51
C ASP B 7 -10.17 -18.51 26.78
N VAL B 8 -10.38 -18.93 28.03
CA VAL B 8 -10.09 -20.29 28.47
C VAL B 8 -11.40 -20.92 28.93
N TYR B 9 -11.90 -21.90 28.18
CA TYR B 9 -13.15 -22.56 28.49
C TYR B 9 -13.09 -23.53 29.67
N ASP B 10 -14.01 -23.31 30.61
CA ASP B 10 -14.13 -24.10 31.84
C ASP B 10 -14.61 -25.53 31.62
N GLY B 11 -15.78 -25.67 30.99
CA GLY B 11 -16.31 -27.00 30.73
C GLY B 11 -17.64 -27.27 31.42
N PRO B 19 -6.00 -28.09 35.34
CA PRO B 19 -5.51 -26.96 34.54
C PRO B 19 -5.68 -27.15 33.03
N VAL B 20 -5.33 -26.12 32.28
CA VAL B 20 -5.44 -26.16 30.82
C VAL B 20 -4.49 -27.22 30.27
N GLN B 21 -5.05 -28.20 29.56
CA GLN B 21 -4.24 -29.27 28.98
C GLN B 21 -4.39 -29.25 27.47
N LEU B 22 -4.92 -28.16 26.94
CA LEU B 22 -5.10 -28.00 25.51
C LEU B 22 -5.26 -26.52 25.15
N ARG B 23 -4.83 -26.16 23.94
CA ARG B 23 -4.91 -24.78 23.47
C ARG B 23 -5.24 -24.80 21.98
N ILE B 24 -6.29 -24.07 21.62
CA ILE B 24 -6.74 -24.02 20.24
C ILE B 24 -6.55 -22.64 19.58
N GLY B 25 -6.02 -22.68 18.36
CA GLY B 25 -5.81 -21.46 17.60
C GLY B 25 -6.82 -21.43 16.48
N ASN B 26 -7.54 -20.31 16.33
CA ASN B 26 -8.56 -20.17 15.31
C ASN B 26 -9.20 -18.78 15.32
N GLY B 27 -9.88 -18.43 14.22
CA GLY B 27 -10.51 -17.12 14.14
C GLY B 27 -12.03 -17.17 14.01
N GLY B 28 -12.51 -17.41 12.80
CA GLY B 28 -13.94 -17.46 12.53
C GLY B 28 -14.78 -18.32 13.47
N ALA B 29 -14.40 -19.59 13.63
CA ALA B 29 -15.14 -20.51 14.49
C ALA B 29 -15.16 -20.07 15.95
N GLY B 30 -14.05 -19.53 16.41
CA GLY B 30 -13.95 -19.08 17.79
C GLY B 30 -14.85 -17.90 18.11
N GLN B 31 -15.01 -17.00 17.14
CA GLN B 31 -15.86 -15.82 17.33
C GLN B 31 -17.34 -16.20 17.37
N SER B 32 -17.72 -17.10 16.48
CA SER B 32 -19.11 -17.55 16.39
C SER B 32 -19.56 -18.37 17.60
N GLY B 33 -18.61 -18.87 18.37
CA GLY B 33 -18.97 -19.65 19.55
C GLY B 33 -18.83 -21.15 19.39
N LEU B 34 -18.66 -21.62 18.16
CA LEU B 34 -18.51 -23.05 17.92
C LEU B 34 -17.36 -23.63 18.75
N VAL B 35 -16.22 -22.94 18.75
CA VAL B 35 -15.06 -23.41 19.50
C VAL B 35 -15.41 -23.59 20.99
N LYS B 36 -16.19 -22.67 21.53
CA LYS B 36 -16.59 -22.74 22.93
C LYS B 36 -17.37 -24.03 23.22
N GLU B 37 -18.37 -24.31 22.39
CA GLU B 37 -19.20 -25.48 22.56
C GLU B 37 -18.48 -26.80 22.26
N LEU B 38 -17.30 -26.69 21.65
CA LEU B 38 -16.50 -27.87 21.34
C LEU B 38 -15.68 -28.20 22.57
N ALA B 39 -15.04 -27.18 23.13
CA ALA B 39 -14.21 -27.32 24.32
C ALA B 39 -15.03 -27.83 25.50
N ASP B 40 -16.33 -27.55 25.50
CA ASP B 40 -17.21 -28.00 26.57
C ASP B 40 -17.63 -29.45 26.36
N ALA B 41 -18.07 -29.76 25.14
CA ALA B 41 -18.49 -31.12 24.82
C ALA B 41 -17.31 -32.09 24.92
N PHE B 42 -16.10 -31.54 24.93
CA PHE B 42 -14.90 -32.37 25.04
C PHE B 42 -14.50 -32.55 26.50
N ILE B 43 -14.56 -31.48 27.29
CA ILE B 43 -14.22 -31.59 28.70
C ILE B 43 -15.26 -32.48 29.35
N LYS B 44 -16.42 -32.59 28.71
CA LYS B 44 -17.51 -33.41 29.23
C LYS B 44 -17.26 -34.90 28.96
N SER B 45 -16.90 -35.22 27.72
CA SER B 45 -16.65 -36.59 27.31
C SER B 45 -15.56 -37.28 28.13
N LYS B 46 -14.42 -36.61 28.27
CA LYS B 46 -13.29 -37.16 29.02
C LYS B 46 -13.49 -37.04 30.53
N VAL B 47 -14.74 -37.15 30.96
CA VAL B 47 -15.10 -37.07 32.37
C VAL B 47 -16.29 -38.01 32.55
N ASP B 48 -17.13 -38.05 31.53
CA ASP B 48 -18.28 -38.93 31.53
C ASP B 48 -17.71 -40.32 31.27
N SER B 49 -16.45 -40.34 30.83
CA SER B 49 -15.72 -41.57 30.56
C SER B 49 -14.79 -41.83 31.74
N GLY B 50 -14.01 -40.82 32.12
CA GLY B 50 -13.08 -40.92 33.24
C GLY B 50 -12.20 -39.69 33.36
N PHE B 54 -8.97 -29.55 33.93
CA PHE B 54 -8.78 -29.78 32.50
C PHE B 54 -9.51 -28.71 31.67
N LYS B 55 -8.80 -27.63 31.38
CA LYS B 55 -9.34 -26.50 30.63
C LYS B 55 -8.84 -26.43 29.19
N VAL B 56 -9.58 -25.69 28.36
CA VAL B 56 -9.23 -25.51 26.96
C VAL B 56 -9.14 -24.03 26.60
N ALA B 57 -7.91 -23.58 26.31
CA ALA B 57 -7.68 -22.19 25.97
C ALA B 57 -7.82 -21.93 24.47
N TRP B 58 -8.58 -20.90 24.12
CA TRP B 58 -8.77 -20.54 22.71
C TRP B 58 -8.01 -19.27 22.36
N TYR B 59 -7.02 -19.43 21.48
CA TYR B 59 -6.20 -18.32 21.01
C TYR B 59 -6.76 -17.82 19.68
N LYS B 60 -7.12 -16.55 19.64
CA LYS B 60 -7.69 -15.94 18.44
C LYS B 60 -6.59 -15.66 17.42
N SER B 61 -6.64 -16.37 16.28
CA SER B 61 -5.64 -16.23 15.22
C SER B 61 -6.15 -16.81 13.90
N ASP B 62 -5.79 -16.18 12.78
CA ASP B 62 -6.22 -16.69 11.49
C ASP B 62 -5.29 -17.82 11.04
N THR B 63 -5.62 -18.46 9.91
CA THR B 63 -4.85 -19.58 9.40
C THR B 63 -3.33 -19.43 9.40
N THR B 64 -2.82 -18.36 8.79
CA THR B 64 -1.38 -18.15 8.72
C THR B 64 -0.71 -18.06 10.09
N VAL B 65 -1.30 -17.26 10.99
CA VAL B 65 -0.74 -17.09 12.32
C VAL B 65 -0.90 -18.36 13.16
N THR B 66 -2.05 -19.00 13.03
CA THR B 66 -2.31 -20.24 13.78
C THR B 66 -1.20 -21.26 13.50
N ILE B 67 -0.81 -21.37 12.23
CA ILE B 67 0.24 -22.30 11.86
C ILE B 67 1.56 -21.85 12.49
N ASN B 68 1.76 -20.54 12.60
CA ASN B 68 2.97 -20.01 13.22
C ASN B 68 2.94 -20.39 14.69
N TYR B 69 1.75 -20.37 15.28
CA TYR B 69 1.59 -20.73 16.69
C TYR B 69 1.94 -22.20 16.89
N LEU B 70 1.58 -23.03 15.92
CA LEU B 70 1.91 -24.45 16.00
C LEU B 70 3.42 -24.59 15.95
N LYS B 71 4.00 -24.00 14.91
CA LYS B 71 5.45 -24.02 14.70
C LYS B 71 6.22 -23.53 15.94
N ASP B 72 5.62 -22.62 16.71
CA ASP B 72 6.28 -22.09 17.90
C ASP B 72 5.71 -22.70 19.18
N GLY B 73 4.87 -23.71 19.04
CA GLY B 73 4.27 -24.35 20.19
C GLY B 73 3.41 -23.45 21.06
N ILE B 74 2.83 -22.42 20.46
CA ILE B 74 1.98 -21.49 21.19
C ILE B 74 0.62 -22.15 21.43
N VAL B 75 0.24 -23.03 20.50
CA VAL B 75 -1.01 -23.76 20.60
C VAL B 75 -0.74 -25.23 20.30
N ASP B 76 -1.69 -26.10 20.67
CA ASP B 76 -1.54 -27.53 20.45
C ASP B 76 -2.23 -27.98 19.17
N VAL B 77 -3.41 -27.45 18.91
CA VAL B 77 -4.15 -27.80 17.70
C VAL B 77 -4.57 -26.52 16.98
N GLY B 78 -4.98 -26.67 15.73
CA GLY B 78 -5.39 -25.52 14.96
C GLY B 78 -6.52 -25.80 14.00
N ILE B 79 -7.53 -24.94 14.03
CA ILE B 79 -8.67 -25.04 13.14
C ILE B 79 -8.29 -24.10 12.01
N THR B 80 -7.77 -24.66 10.92
CA THR B 80 -7.33 -23.85 9.78
C THR B 80 -8.19 -24.07 8.55
N TYR B 81 -8.10 -23.15 7.59
CA TYR B 81 -8.89 -23.23 6.37
C TYR B 81 -8.06 -23.18 5.09
N SER B 82 -6.90 -23.82 5.10
CA SER B 82 -6.06 -23.81 3.91
C SER B 82 -5.41 -25.18 3.64
N PRO B 83 -6.04 -25.99 2.78
CA PRO B 83 -5.54 -27.31 2.42
C PRO B 83 -4.05 -27.32 2.03
N VAL B 84 -3.67 -26.44 1.09
CA VAL B 84 -2.28 -26.38 0.65
C VAL B 84 -1.37 -26.04 1.82
N ALA B 85 -1.75 -25.01 2.56
CA ALA B 85 -0.96 -24.59 3.72
C ALA B 85 -0.92 -25.73 4.73
N GLU B 86 -2.02 -26.48 4.80
CA GLU B 86 -2.13 -27.63 5.70
C GLU B 86 -1.13 -28.71 5.31
N ARG B 87 -1.19 -29.12 4.04
CA ARG B 87 -0.29 -30.15 3.53
C ARG B 87 1.16 -29.73 3.73
N ILE B 88 1.49 -28.52 3.30
CA ILE B 88 2.84 -28.00 3.44
C ILE B 88 3.33 -28.00 4.88
N SER B 89 2.50 -27.53 5.81
CA SER B 89 2.88 -27.48 7.22
C SER B 89 3.19 -28.87 7.77
N ILE B 90 2.55 -29.88 7.19
CA ILE B 90 2.78 -31.26 7.61
C ILE B 90 4.14 -31.69 7.11
N LYS B 91 4.37 -31.51 5.81
CA LYS B 91 5.62 -31.88 5.17
C LYS B 91 6.82 -31.24 5.84
N HIS B 92 6.67 -29.99 6.29
CA HIS B 92 7.77 -29.29 6.95
C HIS B 92 7.84 -29.65 8.43
N GLY B 93 7.03 -30.61 8.84
CA GLY B 93 7.05 -31.04 10.23
C GLY B 93 6.52 -30.06 11.26
N ILE B 94 5.66 -29.13 10.85
CA ILE B 94 5.10 -28.20 11.84
C ILE B 94 3.95 -28.94 12.50
N SER B 95 3.21 -29.68 11.67
CA SER B 95 2.06 -30.43 12.13
C SER B 95 2.24 -31.93 11.91
N GLU B 96 1.49 -32.72 12.66
CA GLU B 96 1.53 -34.17 12.56
C GLU B 96 0.72 -34.65 11.37
N SER B 97 1.02 -35.86 10.91
CA SER B 97 0.27 -36.45 9.82
C SER B 97 -0.74 -37.34 10.52
N PRO B 98 -2.01 -37.32 10.09
CA PRO B 98 -2.55 -36.51 9.00
C PRO B 98 -3.38 -35.34 9.54
N SER B 99 -4.07 -34.66 8.63
CA SER B 99 -4.92 -33.54 9.01
C SER B 99 -6.35 -34.05 9.15
N TYR B 100 -7.16 -33.34 9.93
CA TYR B 100 -8.54 -33.77 10.15
C TYR B 100 -9.60 -32.86 9.55
N TYR B 101 -10.37 -33.38 8.61
CA TYR B 101 -11.45 -32.63 7.99
C TYR B 101 -12.44 -32.43 9.13
N ALA B 102 -12.42 -31.25 9.75
CA ALA B 102 -13.29 -30.96 10.89
C ALA B 102 -14.72 -30.61 10.52
N PHE B 103 -14.89 -29.67 9.59
CA PHE B 103 -16.21 -29.26 9.15
C PHE B 103 -16.12 -28.40 7.90
N ARG B 104 -17.26 -28.21 7.24
CA ARG B 104 -17.28 -27.40 6.04
C ARG B 104 -18.00 -26.08 6.27
N ASP B 105 -17.24 -25.00 6.18
CA ASP B 105 -17.77 -23.66 6.34
C ASP B 105 -18.02 -23.17 4.93
N HIS B 106 -18.65 -22.01 4.77
CA HIS B 106 -18.93 -21.52 3.43
C HIS B 106 -18.71 -20.01 3.30
N PHE B 107 -17.90 -19.64 2.32
CA PHE B 107 -17.63 -18.23 2.08
C PHE B 107 -18.83 -17.63 1.38
N MSE B 108 -18.98 -16.33 1.50
CA MSE B 108 -20.08 -15.63 0.86
C MSE B 108 -19.62 -14.28 0.40
O MSE B 108 -18.77 -13.64 1.02
CB MSE B 108 -21.25 -15.47 1.83
CG MSE B 108 -21.91 -16.76 2.25
SE MSE B 108 -23.58 -16.45 3.19
CE MSE B 108 -22.84 -15.64 4.77
N LEU B 109 -20.17 -13.84 -0.73
CA LEU B 109 -19.87 -12.53 -1.24
C LEU B 109 -21.13 -11.75 -0.93
N ILE B 110 -21.05 -10.80 -0.01
CA ILE B 110 -22.20 -10.00 0.35
C ILE B 110 -21.96 -8.56 -0.08
N GLY B 111 -23.05 -7.77 -0.15
CA GLY B 111 -22.93 -6.39 -0.55
C GLY B 111 -24.16 -5.59 -0.14
N PRO B 112 -24.20 -4.28 -0.44
CA PRO B 112 -25.36 -3.46 -0.07
C PRO B 112 -26.56 -3.71 -0.98
N PRO B 113 -27.77 -3.48 -0.45
CA PRO B 113 -29.02 -3.68 -1.19
C PRO B 113 -29.05 -2.90 -2.51
N SER B 114 -28.42 -1.73 -2.52
CA SER B 114 -28.38 -0.89 -3.72
C SER B 114 -27.63 -1.58 -4.86
N ASN B 115 -26.80 -2.56 -4.52
CA ASN B 115 -26.05 -3.30 -5.53
C ASN B 115 -25.53 -2.41 -6.68
N PRO B 116 -24.67 -1.43 -6.35
CA PRO B 116 -24.14 -0.54 -7.38
C PRO B 116 -23.35 -1.26 -8.47
N ALA B 117 -22.85 -2.44 -8.14
CA ALA B 117 -22.08 -3.23 -9.11
C ALA B 117 -23.01 -4.02 -10.04
N LYS B 118 -24.30 -4.05 -9.70
CA LYS B 118 -25.30 -4.77 -10.51
C LYS B 118 -25.03 -6.27 -10.60
N LEU B 119 -24.68 -6.90 -9.49
CA LEU B 119 -24.41 -8.34 -9.51
C LEU B 119 -25.69 -9.14 -9.73
N SER B 120 -25.62 -10.09 -10.67
CA SER B 120 -26.74 -10.97 -11.01
C SER B 120 -26.52 -12.34 -10.38
N GLY B 121 -27.47 -12.76 -9.55
CA GLY B 121 -27.36 -14.04 -8.85
C GLY B 121 -27.07 -15.26 -9.70
N ASP B 122 -27.15 -15.12 -11.01
CA ASP B 122 -26.90 -16.25 -11.90
C ASP B 122 -25.54 -16.18 -12.60
N SER B 123 -24.61 -15.47 -11.98
CA SER B 123 -23.26 -15.34 -12.53
C SER B 123 -22.33 -16.14 -11.62
N ASP B 124 -21.20 -16.58 -12.15
CA ASP B 124 -20.23 -17.32 -11.34
C ASP B 124 -19.48 -16.26 -10.54
N ILE B 125 -18.89 -16.66 -9.42
CA ILE B 125 -18.17 -15.73 -8.57
C ILE B 125 -17.11 -14.91 -9.34
N ALA B 126 -16.41 -15.55 -10.26
CA ALA B 126 -15.40 -14.88 -11.06
C ALA B 126 -15.99 -13.74 -11.88
N ASP B 127 -17.16 -13.96 -12.49
CA ASP B 127 -17.79 -12.91 -13.27
C ASP B 127 -18.23 -11.77 -12.36
N MSE B 128 -18.57 -12.09 -11.11
CA MSE B 128 -19.00 -11.07 -10.16
C MSE B 128 -17.84 -10.15 -9.77
O MSE B 128 -18.03 -8.93 -9.67
CB MSE B 128 -19.60 -11.70 -8.91
CG MSE B 128 -20.98 -12.31 -9.13
SE MSE B 128 -21.73 -13.04 -7.51
CE MSE B 128 -23.33 -13.84 -8.26
N PHE B 129 -16.66 -10.72 -9.58
CA PHE B 129 -15.49 -9.93 -9.21
C PHE B 129 -15.10 -9.04 -10.38
N SER B 130 -15.29 -9.54 -11.60
CA SER B 130 -14.98 -8.77 -12.79
C SER B 130 -15.95 -7.60 -12.88
N LYS B 131 -17.19 -7.85 -12.53
CA LYS B 131 -18.22 -6.80 -12.57
C LYS B 131 -17.93 -5.74 -11.52
N MSE B 132 -17.52 -6.16 -10.32
CA MSE B 132 -17.21 -5.21 -9.26
C MSE B 132 -16.00 -4.38 -9.67
O MSE B 132 -15.98 -3.16 -9.44
CB MSE B 132 -16.90 -5.94 -7.94
CG MSE B 132 -18.12 -6.51 -7.24
SE MSE B 132 -17.75 -7.19 -5.47
CE MSE B 132 -16.64 -8.73 -5.94
N HIS B 133 -15.01 -5.03 -10.26
CA HIS B 133 -13.82 -4.33 -10.70
C HIS B 133 -14.13 -3.24 -11.72
N ASP B 134 -14.90 -3.60 -12.75
CA ASP B 134 -15.24 -2.64 -13.78
C ASP B 134 -16.07 -1.47 -13.24
N ALA B 135 -17.07 -1.78 -12.42
CA ALA B 135 -17.93 -0.74 -11.85
C ALA B 135 -17.17 0.19 -10.91
N ALA B 136 -16.26 -0.37 -10.12
CA ALA B 136 -15.48 0.43 -9.19
C ALA B 136 -14.55 1.37 -9.96
N GLU B 137 -13.97 0.89 -11.06
CA GLU B 137 -13.07 1.71 -11.87
C GLU B 137 -13.82 2.81 -12.63
N ALA B 138 -15.09 2.60 -12.93
CA ALA B 138 -15.88 3.60 -13.65
C ALA B 138 -16.29 4.71 -12.69
N GLY B 139 -16.43 4.36 -11.42
CA GLY B 139 -16.76 5.32 -10.36
C GLY B 139 -18.14 5.95 -10.26
N ASN B 140 -18.75 6.24 -11.40
CA ASN B 140 -20.06 6.88 -11.49
C ASN B 140 -21.30 6.25 -10.85
N THR B 141 -21.16 5.37 -9.87
CA THR B 141 -22.34 4.78 -9.25
C THR B 141 -22.56 5.31 -7.84
N LYS B 142 -23.77 5.12 -7.32
CA LYS B 142 -24.07 5.56 -5.98
C LYS B 142 -24.79 4.45 -5.20
N PRO B 143 -24.17 3.97 -4.12
CA PRO B 143 -22.87 4.45 -3.66
C PRO B 143 -21.75 3.89 -4.56
N PRO B 144 -20.51 4.33 -4.34
CA PRO B 144 -19.41 3.82 -5.16
C PRO B 144 -19.16 2.34 -4.83
N VAL B 145 -18.68 1.58 -5.80
CA VAL B 145 -18.39 0.17 -5.58
C VAL B 145 -17.07 0.05 -4.83
N ARG B 146 -17.11 -0.57 -3.65
CA ARG B 146 -15.90 -0.73 -2.86
C ARG B 146 -15.87 -2.16 -2.29
N PHE B 147 -14.68 -2.70 -2.09
CA PHE B 147 -14.54 -4.05 -1.57
C PHE B 147 -13.70 -4.02 -0.30
N LEU B 148 -14.22 -4.63 0.77
CA LEU B 148 -13.49 -4.66 2.03
C LEU B 148 -12.64 -5.91 2.20
N SER B 149 -11.34 -5.69 2.38
CA SER B 149 -10.39 -6.78 2.59
C SER B 149 -9.84 -6.71 4.00
N ARG B 150 -9.78 -7.86 4.67
CA ARG B 150 -9.23 -7.94 6.01
C ARG B 150 -7.69 -7.79 5.95
N TYR B 151 -7.12 -7.99 4.77
CA TYR B 151 -5.68 -7.79 4.56
C TYR B 151 -4.83 -8.24 5.75
N ASP B 152 -5.11 -9.44 6.26
CA ASP B 152 -4.40 -9.92 7.43
C ASP B 152 -3.81 -11.33 7.33
N LYS B 153 -3.63 -11.83 6.10
CA LYS B 153 -3.05 -13.15 5.88
C LYS B 153 -3.97 -14.29 6.32
N SER B 154 -5.25 -13.98 6.48
CA SER B 154 -6.24 -14.97 6.90
C SER B 154 -6.73 -15.75 5.68
N ALA B 155 -7.44 -16.85 5.94
CA ALA B 155 -7.99 -17.65 4.85
C ALA B 155 -8.97 -16.81 4.04
N THR B 156 -9.65 -15.87 4.68
CA THR B 156 -10.60 -15.03 3.95
C THR B 156 -9.85 -14.09 2.99
N ASN B 157 -8.74 -13.54 3.46
CA ASN B 157 -7.90 -12.65 2.66
C ASN B 157 -7.34 -13.46 1.47
N ILE B 158 -6.85 -14.66 1.74
CA ILE B 158 -6.33 -15.52 0.69
C ILE B 158 -7.39 -15.74 -0.39
N LYS B 159 -8.61 -16.04 0.06
CA LYS B 159 -9.73 -16.32 -0.83
C LYS B 159 -10.03 -15.18 -1.80
N GLU B 160 -10.19 -13.97 -1.26
CA GLU B 160 -10.49 -12.83 -2.12
C GLU B 160 -9.30 -12.44 -2.99
N ALA B 161 -8.09 -12.60 -2.46
CA ALA B 161 -6.89 -12.27 -3.21
C ALA B 161 -6.78 -13.16 -4.45
N GLU B 162 -6.97 -14.47 -4.26
CA GLU B 162 -6.90 -15.40 -5.39
C GLU B 162 -7.97 -15.05 -6.41
N LEU B 163 -9.18 -14.76 -5.92
CA LEU B 163 -10.29 -14.40 -6.78
C LEU B 163 -10.00 -13.14 -7.60
N TRP B 164 -9.36 -12.15 -7.00
CA TRP B 164 -9.02 -10.93 -7.74
C TRP B 164 -7.98 -11.29 -8.79
N LEU B 165 -6.99 -12.08 -8.37
CA LEU B 165 -5.97 -12.48 -9.31
C LEU B 165 -6.54 -13.33 -10.44
N SER B 166 -7.59 -14.10 -10.15
CA SER B 166 -8.18 -14.97 -11.18
C SER B 166 -8.75 -14.20 -12.38
N ILE B 167 -9.02 -12.91 -12.18
CA ILE B 167 -9.53 -12.10 -13.29
C ILE B 167 -8.45 -11.12 -13.77
N GLY B 168 -7.21 -11.45 -13.45
CA GLY B 168 -6.09 -10.64 -13.86
C GLY B 168 -5.90 -9.30 -13.17
N GLN B 169 -6.33 -9.18 -11.92
CA GLN B 169 -6.19 -7.92 -11.18
C GLN B 169 -5.38 -8.05 -9.89
N VAL B 170 -4.68 -6.98 -9.52
CA VAL B 170 -3.89 -6.94 -8.30
C VAL B 170 -4.24 -5.59 -7.63
N PRO B 171 -5.43 -5.49 -7.04
CA PRO B 171 -5.95 -4.29 -6.37
C PRO B 171 -4.96 -3.59 -5.44
N TRP B 172 -4.26 -4.38 -4.63
CA TRP B 172 -3.30 -3.87 -3.66
C TRP B 172 -1.94 -3.42 -4.22
N ALA B 173 -1.64 -3.74 -5.47
CA ALA B 173 -0.35 -3.35 -6.08
C ALA B 173 -0.42 -1.95 -6.64
N THR B 174 0.73 -1.31 -6.85
CA THR B 174 0.73 0.08 -7.30
C THR B 174 -0.09 0.43 -8.49
N ALA B 175 -0.68 1.60 -8.30
CA ALA B 175 -1.68 2.15 -9.16
C ALA B 175 -2.66 1.48 -8.18
N TYR B 176 -2.41 1.68 -6.88
CA TYR B 176 -3.27 1.08 -5.82
C TYR B 176 -4.72 1.43 -6.11
N SER B 177 -5.58 0.42 -6.09
CA SER B 177 -7.01 0.62 -6.32
C SER B 177 -7.60 1.08 -4.99
N THR B 178 -7.89 2.37 -4.88
CA THR B 178 -8.40 2.95 -3.65
C THR B 178 -9.74 2.38 -3.18
N TRP B 179 -10.44 1.68 -4.06
CA TRP B 179 -11.72 1.08 -3.68
C TRP B 179 -11.50 -0.25 -2.95
N TYR B 180 -10.27 -0.77 -3.00
CA TYR B 180 -9.92 -2.01 -2.31
C TYR B 180 -9.63 -1.53 -0.89
N HIS B 181 -10.66 -1.60 -0.04
CA HIS B 181 -10.63 -1.13 1.33
C HIS B 181 -10.00 -2.07 2.35
N GLN B 182 -8.89 -1.65 2.94
CA GLN B 182 -8.22 -2.43 3.96
C GLN B 182 -8.82 -2.13 5.34
N TYR B 183 -9.49 -3.12 5.92
CA TYR B 183 -10.07 -2.98 7.26
C TYR B 183 -9.55 -4.20 8.02
N ILE B 184 -8.37 -4.02 8.60
CA ILE B 184 -7.65 -5.06 9.31
C ILE B 184 -8.18 -5.49 10.67
N THR B 185 -9.11 -6.45 10.64
CA THR B 185 -9.73 -6.96 11.86
C THR B 185 -10.21 -8.39 11.65
N PHE B 186 -10.76 -8.99 12.69
CA PHE B 186 -11.26 -10.35 12.58
C PHE B 186 -12.63 -10.36 11.90
N PRO B 187 -13.15 -11.55 11.52
CA PRO B 187 -14.43 -11.73 10.85
C PRO B 187 -15.65 -10.89 11.22
N ILE B 188 -16.09 -10.94 12.47
CA ILE B 188 -17.29 -10.20 12.87
C ILE B 188 -17.15 -8.69 12.66
N GLN B 189 -16.07 -8.12 13.20
CA GLN B 189 -15.85 -6.68 13.03
C GLN B 189 -15.75 -6.30 11.54
N ALA B 190 -15.08 -7.14 10.76
CA ALA B 190 -14.92 -6.89 9.33
C ALA B 190 -16.26 -6.89 8.58
N LEU B 191 -17.10 -7.89 8.82
CA LEU B 191 -18.40 -7.93 8.15
C LEU B 191 -19.27 -6.75 8.63
N THR B 192 -19.20 -6.43 9.91
CA THR B 192 -20.00 -5.32 10.47
C THR B 192 -19.63 -4.03 9.74
N ALA B 193 -18.34 -3.79 9.58
CA ALA B 193 -17.84 -2.60 8.90
C ALA B 193 -18.30 -2.57 7.44
N ALA B 194 -18.19 -3.69 6.74
CA ALA B 194 -18.60 -3.75 5.34
C ALA B 194 -20.08 -3.39 5.12
N ILE B 195 -20.93 -3.87 6.01
CA ILE B 195 -22.36 -3.59 5.89
C ILE B 195 -22.69 -2.12 6.14
N LEU B 196 -22.14 -1.57 7.21
CA LEU B 196 -22.34 -0.16 7.57
C LEU B 196 -21.80 0.78 6.49
N LEU B 197 -20.64 0.45 5.92
CA LEU B 197 -20.03 1.28 4.90
C LEU B 197 -20.61 0.97 3.51
N ARG B 198 -21.54 0.02 3.47
CA ARG B 198 -22.17 -0.38 2.22
C ARG B 198 -21.14 -0.81 1.17
N GLU B 199 -20.31 -1.76 1.56
CA GLU B 199 -19.28 -2.29 0.67
C GLU B 199 -19.48 -3.79 0.50
N TYR B 200 -18.91 -4.32 -0.58
CA TYR B 200 -18.99 -5.74 -0.87
C TYR B 200 -17.80 -6.35 -0.13
N THR B 201 -17.94 -7.61 0.28
CA THR B 201 -16.85 -8.27 0.98
C THR B 201 -17.07 -9.77 0.96
N ILE B 202 -15.99 -10.50 1.19
CA ILE B 202 -16.05 -11.94 1.29
C ILE B 202 -16.05 -12.21 2.78
N THR B 203 -17.07 -12.92 3.24
CA THR B 203 -17.18 -13.28 4.65
C THR B 203 -17.64 -14.74 4.64
N ASP B 204 -18.03 -15.28 5.79
CA ASP B 204 -18.51 -16.66 5.84
C ASP B 204 -19.88 -16.76 6.50
N TYR B 205 -20.59 -17.85 6.24
CA TYR B 205 -21.92 -18.04 6.79
C TYR B 205 -21.96 -17.95 8.31
N GLY B 206 -20.97 -18.55 8.96
CA GLY B 206 -20.92 -18.53 10.41
C GLY B 206 -20.85 -17.12 10.96
N THR B 207 -20.10 -16.26 10.27
CA THR B 207 -19.95 -14.86 10.68
C THR B 207 -21.26 -14.12 10.44
N TYR B 208 -21.93 -14.45 9.34
CA TYR B 208 -23.20 -13.84 8.97
C TYR B 208 -24.24 -14.06 10.07
N LEU B 209 -24.24 -15.26 10.66
CA LEU B 209 -25.19 -15.60 11.72
C LEU B 209 -24.78 -15.08 13.08
N SER B 210 -23.57 -14.52 13.18
CA SER B 210 -23.10 -14.00 14.46
C SER B 210 -23.36 -12.51 14.64
N ILE B 211 -23.96 -11.87 13.63
CA ILE B 211 -24.30 -10.45 13.74
C ILE B 211 -25.82 -10.37 13.87
N PRO B 212 -26.32 -9.28 14.47
CA PRO B 212 -27.77 -9.10 14.67
C PRO B 212 -28.58 -9.14 13.37
N ARG B 213 -29.84 -9.59 13.48
CA ARG B 213 -30.72 -9.66 12.31
C ARG B 213 -30.92 -8.29 11.68
N GLY B 214 -31.00 -7.24 12.51
CA GLY B 214 -31.17 -5.90 11.98
C GLY B 214 -30.03 -5.53 11.06
N LEU B 215 -28.83 -6.04 11.36
CA LEU B 215 -27.68 -5.74 10.53
C LEU B 215 -27.75 -6.55 9.24
N ARG B 216 -28.15 -7.83 9.35
CA ARG B 216 -28.26 -8.68 8.16
C ARG B 216 -29.26 -8.10 7.18
N ASP B 217 -30.29 -7.43 7.69
CA ASP B 217 -31.29 -6.84 6.81
C ASP B 217 -30.72 -5.69 5.99
N GLN B 218 -29.52 -5.24 6.35
CA GLN B 218 -28.89 -4.13 5.65
C GLN B 218 -27.90 -4.55 4.57
N MSE B 219 -27.86 -5.85 4.28
CA MSE B 219 -26.97 -6.39 3.26
C MSE B 219 -27.70 -7.48 2.47
O MSE B 219 -28.81 -7.88 2.84
CB MSE B 219 -25.71 -6.97 3.91
CG MSE B 219 -25.97 -7.90 5.07
SE MSE B 219 -24.70 -9.36 5.20
CE MSE B 219 -25.45 -10.49 3.82
N VAL B 220 -27.08 -7.94 1.40
CA VAL B 220 -27.65 -8.98 0.55
C VAL B 220 -26.57 -10.00 0.23
N ILE B 221 -26.94 -11.28 0.21
CA ILE B 221 -25.99 -12.34 -0.11
C ILE B 221 -26.02 -12.52 -1.62
N TYR B 222 -24.90 -12.21 -2.29
CA TYR B 222 -24.85 -12.33 -3.73
C TYR B 222 -24.39 -13.70 -4.23
N LYS B 223 -23.71 -14.44 -3.38
CA LYS B 223 -23.22 -15.78 -3.74
C LYS B 223 -22.84 -16.48 -2.44
N LYS B 224 -23.19 -17.76 -2.34
CA LYS B 224 -22.89 -18.53 -1.14
C LYS B 224 -22.30 -19.89 -1.53
N GLY B 225 -21.16 -20.23 -0.93
CA GLY B 225 -20.53 -21.49 -1.24
C GLY B 225 -21.40 -22.69 -0.89
N THR B 226 -21.43 -23.68 -1.78
CA THR B 226 -22.21 -24.89 -1.56
C THR B 226 -21.23 -25.96 -1.05
N ASN B 227 -21.66 -27.23 -1.09
CA ASN B 227 -20.78 -28.30 -0.63
C ASN B 227 -20.03 -28.98 -1.77
N ASP B 228 -20.19 -28.47 -2.98
CA ASP B 228 -19.49 -29.02 -4.14
C ASP B 228 -18.00 -28.94 -3.83
N ALA B 229 -17.33 -30.10 -3.86
CA ALA B 229 -15.91 -30.16 -3.58
C ALA B 229 -15.12 -29.14 -4.40
N ASP B 230 -15.67 -28.75 -5.55
CA ASP B 230 -15.00 -27.78 -6.41
C ASP B 230 -15.58 -26.37 -6.39
N ASP B 231 -16.44 -26.08 -5.40
CA ASP B 231 -17.03 -24.74 -5.31
C ASP B 231 -15.97 -23.77 -4.79
N PRO B 232 -15.70 -22.69 -5.53
CA PRO B 232 -14.68 -21.73 -5.09
C PRO B 232 -14.96 -21.15 -3.71
N LEU B 233 -16.23 -21.06 -3.34
CA LEU B 233 -16.60 -20.51 -2.05
C LEU B 233 -16.74 -21.52 -0.92
N LEU B 234 -16.37 -22.77 -1.18
CA LEU B 234 -16.41 -23.78 -0.14
C LEU B 234 -15.24 -23.43 0.77
N ASN B 235 -15.41 -23.60 2.07
CA ASN B 235 -14.33 -23.28 2.99
C ASN B 235 -14.03 -24.45 3.92
N PRO B 236 -13.36 -25.49 3.40
CA PRO B 236 -13.04 -26.64 4.25
C PRO B 236 -12.23 -26.17 5.45
N ALA B 237 -12.50 -26.79 6.60
CA ALA B 237 -11.79 -26.46 7.82
C ALA B 237 -11.17 -27.73 8.36
N HIS B 238 -9.84 -27.73 8.48
CA HIS B 238 -9.13 -28.89 9.00
C HIS B 238 -8.46 -28.59 10.33
N LEU B 239 -8.30 -29.63 11.14
CA LEU B 239 -7.65 -29.49 12.43
C LEU B 239 -6.23 -30.06 12.29
N LEU B 240 -5.25 -29.33 12.78
CA LEU B 240 -3.86 -29.76 12.71
C LEU B 240 -3.33 -29.94 14.13
N VAL B 241 -2.60 -31.03 14.35
CA VAL B 241 -2.02 -31.27 15.66
C VAL B 241 -0.56 -30.83 15.61
N GLY B 242 -0.18 -29.97 16.54
CA GLY B 242 1.19 -29.48 16.59
C GLY B 242 2.21 -30.55 16.90
N ALA B 243 3.11 -30.82 15.95
CA ALA B 243 4.14 -31.82 16.13
C ALA B 243 4.84 -31.66 17.48
N ARG B 244 5.00 -30.41 17.91
CA ARG B 244 5.66 -30.12 19.19
C ARG B 244 4.66 -29.51 20.16
N ALA B 245 3.46 -30.09 20.19
CA ALA B 245 2.42 -29.60 21.08
C ALA B 245 2.56 -30.13 22.50
N LYS B 246 2.67 -29.22 23.46
CA LYS B 246 2.75 -29.63 24.85
C LYS B 246 1.36 -30.24 25.01
N ASN B 247 1.22 -31.28 25.82
CA ASN B 247 -0.09 -31.91 25.96
C ASN B 247 -0.52 -32.37 24.56
N ALA B 248 0.38 -33.04 23.85
CA ALA B 248 0.11 -33.52 22.50
C ALA B 248 -0.81 -34.73 22.50
N GLU B 249 -0.80 -35.50 23.59
CA GLU B 249 -1.64 -36.67 23.69
C GLU B 249 -3.11 -36.30 23.79
N MSE B 250 -3.38 -35.14 24.40
CA MSE B 250 -4.76 -34.67 24.53
C MSE B 250 -5.23 -34.14 23.19
O MSE B 250 -6.38 -34.32 22.78
CB MSE B 250 -4.85 -33.54 25.57
CG MSE B 250 -6.26 -33.08 25.86
SE MSE B 250 -7.35 -34.41 26.77
CE MSE B 250 -6.83 -34.01 28.59
N ALA B 251 -4.31 -33.48 22.47
CA ALA B 251 -4.61 -32.92 21.16
C ALA B 251 -5.11 -34.05 20.26
N LYS B 252 -4.43 -35.19 20.34
CA LYS B 252 -4.79 -36.36 19.57
C LYS B 252 -6.19 -36.81 19.95
N GLU B 253 -6.44 -36.86 21.26
CA GLU B 253 -7.75 -37.26 21.78
C GLU B 253 -8.81 -36.33 21.20
N PHE B 254 -8.52 -35.03 21.18
CA PHE B 254 -9.45 -34.03 20.65
C PHE B 254 -9.79 -34.28 19.19
N ALA B 255 -8.74 -34.43 18.36
CA ALA B 255 -8.92 -34.66 16.93
C ALA B 255 -9.83 -35.87 16.67
N LYS B 256 -9.55 -36.97 17.34
CA LYS B 256 -10.35 -38.18 17.18
C LYS B 256 -11.80 -37.87 17.57
N TRP B 257 -11.94 -37.23 18.73
CA TRP B 257 -13.24 -36.82 19.27
C TRP B 257 -13.99 -35.93 18.29
N LEU B 258 -13.25 -35.00 17.68
CA LEU B 258 -13.80 -34.02 16.75
C LEU B 258 -14.43 -34.57 15.46
N VAL B 259 -13.82 -35.59 14.87
CA VAL B 259 -14.35 -36.15 13.62
C VAL B 259 -15.26 -37.36 13.82
N SER B 260 -15.42 -37.80 15.07
CA SER B 260 -16.26 -38.96 15.37
C SER B 260 -17.77 -38.65 15.32
N LYS B 261 -18.56 -39.64 14.92
CA LYS B 261 -20.01 -39.49 14.82
C LYS B 261 -20.76 -39.22 16.13
N GLU B 262 -20.03 -39.07 17.23
CA GLU B 262 -20.68 -38.80 18.51
C GLU B 262 -20.09 -37.62 19.27
N GLY B 263 -18.96 -37.13 18.78
CA GLY B 263 -18.33 -35.99 19.44
C GLY B 263 -18.53 -34.71 18.66
N GLY B 264 -17.45 -34.23 18.05
CA GLY B 264 -17.51 -32.99 17.29
C GLY B 264 -18.56 -32.91 16.20
N GLN B 265 -18.74 -34.00 15.44
CA GLN B 265 -19.72 -33.98 14.36
C GLN B 265 -21.18 -33.76 14.78
N LYS B 266 -21.55 -34.18 16.00
CA LYS B 266 -22.93 -33.96 16.41
C LYS B 266 -23.11 -32.55 16.95
N VAL B 267 -22.06 -32.01 17.56
CA VAL B 267 -22.12 -30.66 18.10
C VAL B 267 -22.22 -29.69 16.92
N ILE B 268 -21.51 -30.04 15.85
CA ILE B 268 -21.49 -29.26 14.62
C ILE B 268 -22.81 -29.26 13.86
N GLU B 269 -23.42 -30.44 13.73
CA GLU B 269 -24.69 -30.57 13.03
C GLU B 269 -25.83 -30.04 13.89
N GLY B 270 -25.49 -29.60 15.10
CA GLY B 270 -26.49 -29.08 16.01
C GLY B 270 -26.22 -27.65 16.44
N PHE B 271 -24.98 -27.20 16.29
CA PHE B 271 -24.59 -25.84 16.65
C PHE B 271 -25.42 -24.91 15.77
N LYS B 272 -26.43 -24.27 16.35
CA LYS B 272 -27.29 -23.38 15.59
C LYS B 272 -27.44 -21.98 16.18
N LYS B 273 -27.62 -21.01 15.29
CA LYS B 273 -27.82 -19.62 15.69
C LYS B 273 -29.13 -19.28 15.02
N ASP B 274 -30.02 -18.59 15.74
CA ASP B 274 -31.33 -18.28 15.18
C ASP B 274 -31.96 -19.66 15.01
N GLY B 275 -32.49 -19.95 13.83
CA GLY B 275 -33.07 -21.26 13.59
C GLY B 275 -32.32 -21.97 12.48
N GLN B 276 -31.25 -21.34 12.03
CA GLN B 276 -30.45 -21.87 10.93
C GLN B 276 -29.21 -22.63 11.41
N GLN B 277 -28.98 -23.79 10.81
CA GLN B 277 -27.81 -24.60 11.16
C GLN B 277 -26.54 -23.94 10.69
N LEU B 278 -25.54 -23.93 11.56
CA LEU B 278 -24.26 -23.33 11.23
C LEU B 278 -23.23 -24.42 10.97
N TYR B 279 -22.62 -24.36 9.79
CA TYR B 279 -21.59 -25.31 9.36
C TYR B 279 -22.09 -26.69 8.95
N SER B 280 -21.47 -27.23 7.91
CA SER B 280 -21.81 -28.56 7.41
C SER B 280 -20.79 -29.53 7.98
N PRO B 281 -21.20 -30.77 8.28
CA PRO B 281 -20.25 -31.73 8.83
C PRO B 281 -19.25 -32.10 7.74
N ALA B 282 -18.16 -32.76 8.11
CA ALA B 282 -17.16 -33.16 7.14
C ALA B 282 -17.82 -34.08 6.13
N PRO B 283 -17.28 -34.17 4.91
CA PRO B 283 -17.91 -35.05 3.91
C PRO B 283 -17.99 -36.49 4.40
N TYR B 284 -18.36 -37.40 3.51
CA TYR B 284 -18.50 -38.82 3.84
C TYR B 284 -17.14 -39.45 4.15
N ARG B 285 -16.97 -39.93 5.37
CA ARG B 285 -15.72 -40.56 5.77
C ARG B 285 -15.98 -41.73 6.72
N ILE C 79 20.08 6.69 27.15
CA ILE C 79 20.58 7.43 25.95
C ILE C 79 19.66 7.17 24.76
N THR C 80 18.68 8.06 24.60
CA THR C 80 17.69 7.97 23.54
C THR C 80 17.94 8.95 22.39
N TYR C 81 17.28 8.71 21.26
CA TYR C 81 17.43 9.56 20.09
C TYR C 81 16.10 10.15 19.66
N SER C 82 15.35 10.70 20.61
CA SER C 82 14.06 11.30 20.32
C SER C 82 13.60 12.21 21.45
N PRO C 83 13.73 13.52 21.26
CA PRO C 83 13.32 14.46 22.30
C PRO C 83 11.87 14.28 22.76
N VAL C 84 10.93 14.26 21.82
CA VAL C 84 9.52 14.11 22.16
C VAL C 84 9.25 12.82 22.95
N ALA C 85 9.79 11.70 22.47
CA ALA C 85 9.59 10.43 23.17
C ALA C 85 10.14 10.58 24.58
N GLU C 86 11.20 11.37 24.71
CA GLU C 86 11.84 11.62 25.98
C GLU C 86 10.91 12.41 26.89
N ARG C 87 10.33 13.49 26.36
CA ARG C 87 9.43 14.30 27.15
C ARG C 87 8.27 13.43 27.65
N ILE C 88 7.74 12.58 26.77
CA ILE C 88 6.65 11.69 27.14
C ILE C 88 7.15 10.77 28.24
N SER C 89 8.41 10.36 28.13
CA SER C 89 9.02 9.48 29.12
C SER C 89 9.06 10.18 30.47
N ILE C 90 9.17 11.50 30.44
CA ILE C 90 9.23 12.30 31.66
C ILE C 90 7.85 12.61 32.24
N LYS C 91 7.01 13.32 31.47
CA LYS C 91 5.68 13.69 31.94
C LYS C 91 4.92 12.53 32.58
N HIS C 92 5.16 11.32 32.09
CA HIS C 92 4.48 10.13 32.61
C HIS C 92 5.22 9.46 33.76
N GLY C 93 6.24 10.13 34.28
CA GLY C 93 7.00 9.58 35.38
C GLY C 93 7.61 8.22 35.08
N ILE C 94 7.74 7.91 33.79
CA ILE C 94 8.32 6.64 33.38
C ILE C 94 9.83 6.83 33.30
N SER C 95 10.26 8.08 33.46
CA SER C 95 11.68 8.45 33.43
C SER C 95 11.84 9.72 34.28
N GLU C 96 13.00 9.87 34.91
CA GLU C 96 13.25 11.04 35.73
C GLU C 96 13.65 12.27 34.93
N SER C 97 13.14 13.42 35.37
CA SER C 97 13.44 14.69 34.73
C SER C 97 14.38 15.45 35.67
N PRO C 98 15.18 16.37 35.12
CA PRO C 98 15.30 16.76 33.70
C PRO C 98 16.05 15.72 32.87
N SER C 99 16.17 16.00 31.58
CA SER C 99 16.88 15.11 30.66
C SER C 99 18.34 15.56 30.53
N TYR C 100 19.23 14.59 30.32
CA TYR C 100 20.66 14.88 30.22
C TYR C 100 21.24 14.77 28.81
N TYR C 101 21.54 15.93 28.21
CA TYR C 101 22.10 15.99 26.87
C TYR C 101 23.47 15.33 26.91
N ALA C 102 23.62 14.22 26.18
CA ALA C 102 24.88 13.48 26.16
C ALA C 102 25.81 13.84 25.01
N PHE C 103 25.26 13.89 23.80
CA PHE C 103 26.07 14.23 22.64
C PHE C 103 25.23 14.49 21.39
N ARG C 104 25.90 14.83 20.30
CA ARG C 104 25.22 15.12 19.05
C ARG C 104 25.64 14.21 17.91
N ASP C 105 24.68 13.44 17.40
CA ASP C 105 24.91 12.53 16.30
C ASP C 105 24.46 13.29 15.06
N HIS C 106 24.75 12.78 13.87
CA HIS C 106 24.36 13.49 12.65
C HIS C 106 23.84 12.64 11.50
N PHE C 107 22.76 13.09 10.88
CA PHE C 107 22.17 12.40 9.74
C PHE C 107 22.85 12.96 8.49
N MSE C 108 22.71 12.24 7.37
CA MSE C 108 23.30 12.68 6.13
C MSE C 108 22.43 12.29 4.96
O MSE C 108 21.79 11.24 4.97
CB MSE C 108 24.67 12.02 5.90
CG MSE C 108 25.62 12.01 7.06
SE MSE C 108 27.27 11.17 6.47
CE MSE C 108 26.57 9.48 5.88
N LEU C 109 22.39 13.12 3.92
CA LEU C 109 21.65 12.79 2.72
C LEU C 109 22.73 12.39 1.71
N ILE C 110 22.70 11.15 1.25
CA ILE C 110 23.70 10.70 0.29
C ILE C 110 23.02 10.23 -0.99
N GLY C 111 23.79 10.10 -2.07
CA GLY C 111 23.23 9.66 -3.33
C GLY C 111 24.26 9.26 -4.37
N PRO C 112 23.82 8.83 -5.57
CA PRO C 112 24.75 8.41 -6.63
C PRO C 112 25.62 9.57 -7.15
N PRO C 113 26.87 9.28 -7.52
CA PRO C 113 27.78 10.32 -8.02
C PRO C 113 27.26 11.10 -9.23
N SER C 114 26.48 10.45 -10.09
CA SER C 114 25.94 11.12 -11.27
C SER C 114 24.87 12.15 -10.91
N ASN C 115 24.50 12.19 -9.63
CA ASN C 115 23.54 13.17 -9.12
C ASN C 115 22.37 13.51 -10.08
N PRO C 116 21.51 12.52 -10.38
CA PRO C 116 20.38 12.75 -11.28
C PRO C 116 19.39 13.84 -10.87
N ALA C 117 19.25 14.08 -9.56
CA ALA C 117 18.33 15.11 -9.08
C ALA C 117 18.99 16.49 -9.06
N LYS C 118 20.25 16.54 -9.48
CA LYS C 118 21.00 17.79 -9.52
C LYS C 118 20.98 18.54 -8.19
N LEU C 119 21.17 17.83 -7.08
CA LEU C 119 21.20 18.48 -5.78
C LEU C 119 22.43 19.37 -5.79
N SER C 120 22.35 20.54 -5.14
CA SER C 120 23.49 21.46 -5.17
C SER C 120 23.54 22.42 -4.00
N GLY C 121 24.56 23.27 -3.98
CA GLY C 121 24.69 24.23 -2.90
C GLY C 121 24.92 23.50 -1.59
N ASP C 122 24.70 24.17 -0.47
CA ASP C 122 24.91 23.50 0.80
C ASP C 122 23.86 23.86 1.86
N SER C 123 22.70 24.33 1.43
CA SER C 123 21.65 24.66 2.38
C SER C 123 20.26 24.19 1.92
N ASP C 124 19.25 24.50 2.72
CA ASP C 124 17.86 24.16 2.43
C ASP C 124 17.63 22.67 2.12
N ILE C 125 17.72 21.84 3.16
CA ILE C 125 17.49 20.40 3.05
C ILE C 125 16.11 20.18 2.42
N ALA C 126 15.18 21.08 2.76
CA ALA C 126 13.83 21.02 2.24
C ALA C 126 13.80 21.19 0.72
N ASP C 127 14.56 22.16 0.19
CA ASP C 127 14.58 22.35 -1.26
C ASP C 127 15.22 21.14 -1.94
N MSE C 128 16.20 20.52 -1.28
CA MSE C 128 16.84 19.33 -1.85
C MSE C 128 15.79 18.22 -1.99
O MSE C 128 15.74 17.52 -3.01
CB MSE C 128 17.98 18.86 -0.96
CG MSE C 128 19.28 19.67 -1.11
SE MSE C 128 20.75 18.82 -0.20
CE MSE C 128 20.23 19.31 1.59
N PHE C 129 14.95 18.05 -0.99
CA PHE C 129 13.92 17.02 -1.05
C PHE C 129 12.92 17.35 -2.15
N SER C 130 12.63 18.64 -2.30
CA SER C 130 11.70 19.09 -3.33
C SER C 130 12.30 18.81 -4.70
N LYS C 131 13.60 19.01 -4.85
CA LYS C 131 14.26 18.75 -6.13
C LYS C 131 14.20 17.26 -6.46
N MSE C 132 14.42 16.42 -5.45
CA MSE C 132 14.36 14.97 -5.68
C MSE C 132 12.92 14.60 -6.09
O MSE C 132 12.71 13.84 -7.05
CB MSE C 132 14.75 14.21 -4.41
CG MSE C 132 16.26 14.15 -4.16
SE MSE C 132 16.73 13.03 -2.65
CE MSE C 132 15.72 11.48 -3.14
N HIS C 133 11.94 15.15 -5.39
CA HIS C 133 10.55 14.86 -5.72
C HIS C 133 10.24 15.26 -7.18
N ASP C 134 10.61 16.47 -7.57
CA ASP C 134 10.31 16.91 -8.94
C ASP C 134 11.03 16.10 -10.01
N ALA C 135 12.33 15.87 -9.78
CA ALA C 135 13.13 15.10 -10.73
C ALA C 135 12.60 13.67 -10.85
N ALA C 136 12.15 13.11 -9.73
CA ALA C 136 11.60 11.76 -9.70
C ALA C 136 10.32 11.71 -10.54
N GLU C 137 9.42 12.67 -10.29
CA GLU C 137 8.18 12.72 -11.04
C GLU C 137 8.43 12.92 -12.53
N ALA C 138 9.46 13.68 -12.87
CA ALA C 138 9.82 13.92 -14.26
C ALA C 138 10.19 12.59 -14.93
N GLY C 139 10.86 11.72 -14.17
CA GLY C 139 11.27 10.42 -14.65
C GLY C 139 11.90 10.33 -16.03
N ASN C 140 12.83 11.22 -16.32
CA ASN C 140 13.49 11.22 -17.62
C ASN C 140 15.00 11.31 -17.47
N THR C 141 15.48 11.22 -16.23
CA THR C 141 16.92 11.27 -15.97
C THR C 141 17.53 9.88 -16.02
N LYS C 142 18.85 9.83 -16.10
CA LYS C 142 19.53 8.56 -16.11
C LYS C 142 20.73 8.63 -15.20
N PRO C 143 20.74 7.83 -14.11
CA PRO C 143 19.67 6.90 -13.74
C PRO C 143 18.43 7.62 -13.20
N PRO C 144 17.36 6.87 -12.95
CA PRO C 144 16.13 7.49 -12.44
C PRO C 144 16.35 7.95 -11.01
N VAL C 145 15.65 9.01 -10.60
CA VAL C 145 15.78 9.52 -9.24
C VAL C 145 14.84 8.70 -8.36
N ARG C 146 15.42 8.06 -7.35
CA ARG C 146 14.67 7.24 -6.41
C ARG C 146 15.25 7.47 -5.02
N PHE C 147 14.40 7.30 -4.00
CA PHE C 147 14.79 7.51 -2.60
C PHE C 147 14.51 6.25 -1.80
N LEU C 148 15.51 5.76 -1.08
CA LEU C 148 15.36 4.54 -0.30
C LEU C 148 14.98 4.80 1.16
N SER C 149 13.82 4.26 1.53
CA SER C 149 13.30 4.37 2.89
C SER C 149 13.38 3.00 3.53
N ARG C 150 13.82 2.95 4.78
CA ARG C 150 13.89 1.69 5.51
C ARG C 150 12.48 1.26 5.91
N TYR C 151 11.55 2.22 5.95
CA TYR C 151 10.14 1.96 6.23
C TYR C 151 9.96 0.93 7.35
N ASP C 152 10.65 1.14 8.46
CA ASP C 152 10.62 0.20 9.57
C ASP C 152 10.43 0.86 10.94
N LYS C 153 9.84 2.06 10.93
CA LYS C 153 9.57 2.79 12.17
C LYS C 153 10.81 3.23 12.94
N SER C 154 11.99 3.10 12.33
CA SER C 154 13.23 3.48 13.00
C SER C 154 13.44 5.00 13.03
N ALA C 155 14.42 5.44 13.83
CA ALA C 155 14.72 6.87 13.91
C ALA C 155 15.02 7.43 12.52
N THR C 156 15.67 6.63 11.69
CA THR C 156 16.01 7.07 10.33
C THR C 156 14.74 7.24 9.52
N ASN C 157 13.83 6.28 9.63
CA ASN C 157 12.55 6.34 8.94
C ASN C 157 11.82 7.59 9.39
N ILE C 158 11.80 7.82 10.71
CA ILE C 158 11.13 8.98 11.27
C ILE C 158 11.68 10.27 10.64
N LYS C 159 13.01 10.34 10.55
CA LYS C 159 13.68 11.51 9.99
C LYS C 159 13.29 11.82 8.56
N GLU C 160 13.43 10.86 7.64
CA GLU C 160 13.07 11.15 6.25
C GLU C 160 11.57 11.32 6.07
N ALA C 161 10.77 10.64 6.90
CA ALA C 161 9.34 10.80 6.79
C ALA C 161 9.01 12.27 7.10
N GLU C 162 9.62 12.81 8.16
CA GLU C 162 9.41 14.21 8.56
C GLU C 162 9.85 15.15 7.46
N LEU C 163 11.00 14.85 6.86
CA LEU C 163 11.53 15.69 5.81
C LEU C 163 10.59 15.77 4.61
N TRP C 164 10.04 14.63 4.19
CA TRP C 164 9.10 14.64 3.07
C TRP C 164 7.83 15.42 3.46
N LEU C 165 7.34 15.19 4.67
CA LEU C 165 6.14 15.90 5.08
C LEU C 165 6.38 17.41 5.18
N SER C 166 7.60 17.81 5.47
CA SER C 166 7.92 19.23 5.62
C SER C 166 7.76 20.02 4.32
N ILE C 167 7.74 19.34 3.18
CA ILE C 167 7.56 20.04 1.92
C ILE C 167 6.16 19.77 1.39
N GLY C 168 5.32 19.21 2.26
CA GLY C 168 3.95 18.92 1.87
C GLY C 168 3.79 17.64 1.05
N GLN C 169 4.71 16.70 1.21
CA GLN C 169 4.63 15.45 0.46
C GLN C 169 4.40 14.23 1.34
N VAL C 170 3.61 13.29 0.83
CA VAL C 170 3.32 12.02 1.52
C VAL C 170 3.56 10.94 0.46
N PRO C 171 4.83 10.66 0.13
CA PRO C 171 5.20 9.67 -0.88
C PRO C 171 4.55 8.30 -0.73
N TRP C 172 4.41 7.84 0.52
CA TRP C 172 3.81 6.54 0.81
C TRP C 172 2.29 6.44 0.73
N ALA C 173 1.60 7.59 0.68
CA ALA C 173 0.13 7.59 0.61
C ALA C 173 -0.37 7.46 -0.83
N THR C 174 -1.63 7.06 -0.98
CA THR C 174 -2.14 6.83 -2.33
C THR C 174 -1.99 7.93 -3.32
N ALA C 175 -1.54 7.41 -4.45
CA ALA C 175 -1.12 8.09 -5.63
C ALA C 175 0.30 7.73 -5.14
N TYR C 176 0.51 6.45 -4.79
CA TYR C 176 1.82 6.00 -4.26
C TYR C 176 2.95 6.44 -5.19
N SER C 177 3.94 7.12 -4.62
CA SER C 177 5.10 7.60 -5.38
C SER C 177 6.01 6.39 -5.57
N THR C 178 5.96 5.78 -6.74
CA THR C 178 6.74 4.58 -7.02
C THR C 178 8.26 4.72 -6.85
N TRP C 179 8.76 5.95 -6.83
CA TRP C 179 10.20 6.17 -6.65
C TRP C 179 10.61 6.16 -5.18
N TYR C 180 9.62 6.16 -4.29
CA TYR C 180 9.87 6.09 -2.84
C TYR C 180 10.06 4.59 -2.61
N HIS C 181 11.31 4.18 -2.57
CA HIS C 181 11.71 2.78 -2.46
C HIS C 181 11.77 2.20 -1.07
N GLN C 182 10.90 1.23 -0.80
CA GLN C 182 10.89 0.58 0.50
C GLN C 182 11.88 -0.59 0.48
N TYR C 183 12.94 -0.49 1.29
CA TYR C 183 13.92 -1.57 1.39
C TYR C 183 14.06 -1.75 2.90
N ILE C 184 13.22 -2.62 3.44
CA ILE C 184 13.13 -2.86 4.86
C ILE C 184 14.25 -3.70 5.49
N THR C 185 15.28 -3.00 5.98
CA THR C 185 16.44 -3.62 6.60
C THR C 185 17.10 -2.66 7.60
N PHE C 186 18.19 -3.11 8.20
CA PHE C 186 18.93 -2.31 9.17
C PHE C 186 19.82 -1.25 8.48
N PRO C 187 20.37 -0.30 9.25
CA PRO C 187 21.21 0.77 8.72
C PRO C 187 22.25 0.39 7.67
N ILE C 188 23.22 -0.44 8.05
CA ILE C 188 24.26 -0.86 7.11
C ILE C 188 23.76 -1.45 5.79
N GLN C 189 22.89 -2.45 5.88
CA GLN C 189 22.37 -3.08 4.68
C GLN C 189 21.56 -2.11 3.82
N ALA C 190 20.91 -1.14 4.47
CA ALA C 190 20.10 -0.16 3.75
C ALA C 190 20.99 0.80 2.96
N LEU C 191 22.05 1.28 3.58
CA LEU C 191 22.96 2.20 2.88
C LEU C 191 23.65 1.47 1.74
N THR C 192 24.01 0.21 1.96
CA THR C 192 24.68 -0.60 0.93
C THR C 192 23.79 -0.70 -0.29
N ALA C 193 22.52 -1.03 -0.08
CA ALA C 193 21.55 -1.16 -1.16
C ALA C 193 21.38 0.14 -1.94
N ALA C 194 21.26 1.25 -1.22
CA ALA C 194 21.08 2.55 -1.85
C ALA C 194 22.24 2.84 -2.81
N ILE C 195 23.46 2.59 -2.35
CA ILE C 195 24.66 2.82 -3.14
C ILE C 195 24.64 1.94 -4.38
N LEU C 196 24.40 0.64 -4.18
CA LEU C 196 24.36 -0.29 -5.30
C LEU C 196 23.31 0.08 -6.34
N LEU C 197 22.15 0.55 -5.87
CA LEU C 197 21.06 0.92 -6.75
C LEU C 197 21.12 2.35 -7.28
N ARG C 198 22.14 3.10 -6.88
CA ARG C 198 22.26 4.49 -7.32
C ARG C 198 21.02 5.28 -6.90
N GLU C 199 20.70 5.22 -5.61
CA GLU C 199 19.55 5.95 -5.08
C GLU C 199 19.98 6.88 -3.97
N TYR C 200 19.16 7.88 -3.72
CA TYR C 200 19.43 8.82 -2.65
C TYR C 200 18.81 8.21 -1.39
N THR C 201 19.37 8.51 -0.24
CA THR C 201 18.81 8.01 0.99
C THR C 201 19.34 8.81 2.18
N ILE C 202 18.63 8.76 3.29
CA ILE C 202 19.06 9.41 4.50
C ILE C 202 19.69 8.32 5.37
N THR C 203 20.89 8.57 5.88
CA THR C 203 21.57 7.61 6.72
C THR C 203 22.26 8.43 7.81
N ASP C 204 23.12 7.79 8.58
CA ASP C 204 23.83 8.51 9.64
C ASP C 204 25.34 8.36 9.43
N TYR C 205 26.11 9.27 10.02
CA TYR C 205 27.55 9.23 9.88
C TYR C 205 28.16 7.93 10.38
N GLY C 206 27.63 7.40 11.48
CA GLY C 206 28.13 6.16 12.04
C GLY C 206 28.01 4.98 11.08
N THR C 207 26.90 4.94 10.37
CA THR C 207 26.63 3.88 9.40
C THR C 207 27.51 4.05 8.18
N TYR C 208 27.78 5.31 7.83
CA TYR C 208 28.62 5.63 6.69
C TYR C 208 30.04 5.10 6.93
N LEU C 209 30.53 5.31 8.15
CA LEU C 209 31.88 4.88 8.52
C LEU C 209 31.96 3.38 8.74
N SER C 210 30.82 2.69 8.63
CA SER C 210 30.78 1.25 8.83
C SER C 210 30.77 0.42 7.55
N ILE C 211 30.73 1.08 6.40
CA ILE C 211 30.75 0.35 5.13
C ILE C 211 32.16 0.48 4.54
N PRO C 212 32.53 -0.43 3.62
CA PRO C 212 33.85 -0.39 2.99
C PRO C 212 34.14 0.90 2.23
N ARG C 213 35.41 1.13 1.93
CA ARG C 213 35.82 2.31 1.18
C ARG C 213 35.35 2.18 -0.26
N GLY C 214 35.40 0.95 -0.78
CA GLY C 214 34.97 0.71 -2.13
C GLY C 214 33.57 1.26 -2.38
N LEU C 215 32.66 1.03 -1.44
CA LEU C 215 31.29 1.51 -1.58
C LEU C 215 31.15 3.01 -1.27
N ARG C 216 31.89 3.49 -0.27
CA ARG C 216 31.82 4.90 0.08
C ARG C 216 32.22 5.74 -1.14
N ASP C 217 33.10 5.18 -1.95
CA ASP C 217 33.59 5.87 -3.14
C ASP C 217 32.65 5.72 -4.33
N GLN C 218 31.46 5.17 -4.06
CA GLN C 218 30.44 5.00 -5.08
C GLN C 218 29.25 5.88 -4.76
N MSE C 219 29.45 6.80 -3.83
CA MSE C 219 28.41 7.74 -3.44
C MSE C 219 28.95 9.12 -3.09
O MSE C 219 30.16 9.31 -2.87
CB MSE C 219 27.62 7.18 -2.24
CG MSE C 219 28.48 6.63 -1.12
SE MSE C 219 27.73 6.95 0.63
CE MSE C 219 28.23 8.82 0.82
N VAL C 220 28.05 10.10 -3.04
CA VAL C 220 28.39 11.48 -2.72
C VAL C 220 27.56 11.92 -1.52
N ILE C 221 28.16 12.72 -0.64
CA ILE C 221 27.45 13.26 0.51
C ILE C 221 26.91 14.63 0.09
N TYR C 222 25.60 14.70 -0.14
CA TYR C 222 24.96 15.95 -0.57
C TYR C 222 24.61 16.87 0.59
N LYS C 223 24.56 16.30 1.78
CA LYS C 223 24.25 17.06 2.98
C LYS C 223 24.58 16.25 4.22
N LYS C 224 25.39 16.83 5.10
CA LYS C 224 25.75 16.19 6.34
C LYS C 224 25.33 17.12 7.46
N GLY C 225 24.63 16.57 8.46
CA GLY C 225 24.17 17.40 9.56
C GLY C 225 25.27 18.11 10.31
N THR C 226 25.03 19.36 10.69
CA THR C 226 26.00 20.14 11.45
C THR C 226 25.57 20.15 12.91
N ASN C 227 26.22 20.97 13.72
CA ASN C 227 25.85 21.02 15.13
C ASN C 227 24.90 22.15 15.50
N ASP C 228 24.38 22.85 14.50
CA ASP C 228 23.42 23.91 14.76
C ASP C 228 22.19 23.26 15.35
N ALA C 229 21.71 23.79 16.46
CA ALA C 229 20.53 23.24 17.13
C ALA C 229 19.29 23.15 16.24
N ASP C 230 19.24 23.95 15.18
CA ASP C 230 18.08 23.93 14.30
C ASP C 230 18.29 23.24 12.96
N ASP C 231 19.38 22.49 12.85
CA ASP C 231 19.68 21.75 11.63
C ASP C 231 18.85 20.45 11.69
N PRO C 232 17.97 20.24 10.70
CA PRO C 232 17.11 19.03 10.64
C PRO C 232 17.87 17.71 10.70
N LEU C 233 19.11 17.70 10.21
CA LEU C 233 19.91 16.48 10.20
C LEU C 233 20.71 16.26 11.49
N LEU C 234 20.50 17.10 12.48
CA LEU C 234 21.21 16.93 13.75
C LEU C 234 20.44 15.86 14.52
N ASN C 235 21.14 14.89 15.10
CA ASN C 235 20.47 13.83 15.84
C ASN C 235 20.92 13.82 17.29
N PRO C 236 20.29 14.65 18.14
CA PRO C 236 20.66 14.72 19.56
C PRO C 236 20.34 13.47 20.36
N ALA C 237 21.26 13.11 21.24
CA ALA C 237 21.10 11.94 22.09
C ALA C 237 21.04 12.40 23.54
N HIS C 238 19.87 12.23 24.16
CA HIS C 238 19.69 12.63 25.54
C HIS C 238 19.71 11.39 26.42
N LEU C 239 20.11 11.58 27.68
CA LEU C 239 20.16 10.47 28.62
C LEU C 239 19.00 10.57 29.60
N LEU C 240 18.26 9.47 29.72
CA LEU C 240 17.13 9.43 30.63
C LEU C 240 17.48 8.56 31.83
N VAL C 241 17.09 9.00 33.02
CA VAL C 241 17.36 8.25 34.23
C VAL C 241 16.11 7.52 34.65
N GLY C 242 16.21 6.20 34.80
CA GLY C 242 15.07 5.42 35.22
C GLY C 242 14.50 6.02 36.48
N ALA C 243 13.22 6.37 36.44
CA ALA C 243 12.55 6.96 37.60
C ALA C 243 11.95 5.88 38.48
N ARG C 244 11.28 4.93 37.84
CA ARG C 244 10.67 3.81 38.55
C ARG C 244 11.64 2.64 38.54
N ALA C 245 12.84 2.87 38.04
CA ALA C 245 13.87 1.85 37.96
C ALA C 245 14.42 1.58 39.36
N LYS C 246 15.35 0.64 39.47
CA LYS C 246 15.94 0.29 40.75
C LYS C 246 17.45 0.36 40.74
N ASN C 247 18.06 0.36 41.94
CA ASN C 247 19.51 0.46 42.06
C ASN C 247 19.86 1.72 41.28
N ALA C 248 18.87 2.61 41.20
CA ALA C 248 18.97 3.87 40.48
C ALA C 248 19.85 4.94 41.11
N GLU C 249 20.45 4.64 42.26
CA GLU C 249 21.31 5.63 42.89
C GLU C 249 22.59 5.79 42.07
N MSE C 250 23.26 4.68 41.79
CA MSE C 250 24.47 4.72 40.98
C MSE C 250 24.03 5.18 39.60
O MSE C 250 24.82 5.74 38.84
CB MSE C 250 25.09 3.32 40.91
CG MSE C 250 26.36 3.23 40.09
SE MSE C 250 27.19 1.48 40.21
CE MSE C 250 28.49 1.89 41.60
N ALA C 251 22.75 4.96 39.31
CA ALA C 251 22.15 5.35 38.03
C ALA C 251 21.68 6.81 38.08
N LYS C 252 22.50 7.64 38.74
CA LYS C 252 22.22 9.06 38.88
C LYS C 252 23.59 9.75 38.90
N GLU C 253 24.61 8.94 39.17
CA GLU C 253 25.99 9.40 39.21
C GLU C 253 26.51 9.59 37.80
N PHE C 254 26.07 8.69 36.93
CA PHE C 254 26.48 8.66 35.53
C PHE C 254 26.01 9.90 34.75
N ALA C 255 24.85 10.43 35.11
CA ALA C 255 24.28 11.59 34.43
C ALA C 255 25.00 12.92 34.64
N LYS C 256 25.56 13.15 35.83
CA LYS C 256 26.24 14.41 36.11
C LYS C 256 27.69 14.35 35.63
N TRP C 257 28.22 13.13 35.55
CA TRP C 257 29.59 12.90 35.11
C TRP C 257 29.66 12.87 33.58
N LEU C 258 28.56 12.43 32.97
CA LEU C 258 28.49 12.35 31.51
C LEU C 258 28.48 13.72 30.87
N VAL C 259 27.85 14.68 31.54
CA VAL C 259 27.75 16.04 31.03
C VAL C 259 28.89 16.94 31.52
N SER C 260 29.80 16.37 32.31
CA SER C 260 30.93 17.14 32.83
C SER C 260 32.06 17.13 31.81
N LYS C 261 32.79 18.25 31.73
CA LYS C 261 33.89 18.36 30.78
C LYS C 261 34.90 17.22 30.87
N GLU C 262 35.32 16.87 32.08
CA GLU C 262 36.29 15.80 32.27
C GLU C 262 35.67 14.41 32.42
N GLY C 263 34.35 14.34 32.34
CA GLY C 263 33.68 13.06 32.47
C GLY C 263 33.41 12.43 31.11
N GLY C 264 32.13 12.35 30.77
CA GLY C 264 31.73 11.77 29.50
C GLY C 264 32.06 12.69 28.34
N GLN C 265 31.86 13.99 28.52
CA GLN C 265 32.15 14.98 27.49
C GLN C 265 33.59 14.81 27.01
N LYS C 266 34.41 14.20 27.87
CA LYS C 266 35.81 13.94 27.59
C LYS C 266 35.95 12.68 26.75
N VAL C 267 35.21 11.64 27.13
CA VAL C 267 35.22 10.36 26.42
C VAL C 267 34.69 10.54 25.00
N ILE C 268 33.53 11.17 24.90
CA ILE C 268 32.86 11.43 23.62
C ILE C 268 33.71 12.25 22.67
N GLU C 269 34.27 13.34 23.20
CA GLU C 269 35.09 14.25 22.40
C GLU C 269 36.28 13.55 21.76
N GLY C 270 36.69 12.42 22.32
CA GLY C 270 37.84 11.71 21.78
C GLY C 270 37.56 10.38 21.14
N PHE C 271 36.33 9.89 21.25
CA PHE C 271 35.98 8.60 20.66
C PHE C 271 35.93 8.66 19.15
N LYS C 272 36.70 7.79 18.50
CA LYS C 272 36.78 7.74 17.05
C LYS C 272 36.42 6.39 16.46
N LYS C 273 36.12 6.39 15.17
CA LYS C 273 35.81 5.18 14.44
C LYS C 273 36.42 5.25 13.06
N ASP C 274 37.21 4.22 12.73
CA ASP C 274 37.87 4.11 11.45
C ASP C 274 38.54 5.40 10.97
N GLY C 275 38.88 6.28 11.92
CA GLY C 275 39.55 7.52 11.52
C GLY C 275 39.20 8.83 12.20
N GLN C 276 37.95 9.04 12.60
CA GLN C 276 37.58 10.31 13.21
C GLN C 276 36.59 10.33 14.36
N GLN C 277 36.40 11.52 14.92
CA GLN C 277 35.48 11.76 16.04
C GLN C 277 34.06 11.44 15.60
N LEU C 278 33.60 10.24 15.96
CA LEU C 278 32.26 9.78 15.63
C LEU C 278 31.14 10.73 16.00
N TYR C 279 31.19 11.27 17.21
CA TYR C 279 30.15 12.19 17.69
C TYR C 279 30.70 13.52 18.19
N SER C 280 29.80 14.48 18.39
CA SER C 280 30.16 15.78 18.90
C SER C 280 29.67 15.86 20.34
N PRO C 281 30.44 16.52 21.22
CA PRO C 281 29.99 16.62 22.62
C PRO C 281 28.70 17.43 22.68
N ALA C 282 28.07 17.46 23.84
CA ALA C 282 26.83 18.22 23.98
C ALA C 282 27.17 19.70 23.84
N PRO C 283 26.15 20.56 23.68
CA PRO C 283 26.42 21.99 23.54
C PRO C 283 27.16 22.51 24.77
N TYR C 284 27.87 23.64 24.62
CA TYR C 284 28.61 24.22 25.74
C TYR C 284 27.69 24.51 26.93
N ARG C 285 27.70 23.60 27.90
CA ARG C 285 26.89 23.74 29.10
C ARG C 285 27.81 24.05 30.28
N VAL D 8 7.26 2.38 -36.64
CA VAL D 8 6.76 2.27 -38.04
C VAL D 8 7.70 1.47 -38.92
N TYR D 9 7.34 0.22 -39.19
CA TYR D 9 8.18 -0.66 -40.01
C TYR D 9 7.73 -0.64 -41.48
N ASP D 10 8.73 -0.64 -42.36
CA ASP D 10 8.49 -0.61 -43.80
C ASP D 10 8.88 -1.89 -44.50
N GLY D 11 10.07 -2.40 -44.19
CA GLY D 11 10.53 -3.63 -44.81
C GLY D 11 11.06 -3.41 -46.22
N PRO D 19 1.01 3.78 -47.61
CA PRO D 19 1.01 4.27 -46.24
C PRO D 19 0.85 3.17 -45.20
N VAL D 20 0.41 3.55 -44.01
CA VAL D 20 0.24 2.60 -42.90
C VAL D 20 -1.14 1.95 -42.90
N GLN D 21 -1.17 0.63 -42.90
CA GLN D 21 -2.43 -0.12 -42.87
C GLN D 21 -2.52 -1.01 -41.64
N LEU D 22 -1.53 -0.91 -40.75
CA LEU D 22 -1.54 -1.71 -39.53
C LEU D 22 -0.90 -1.04 -38.33
N ARG D 23 -1.56 -1.15 -37.20
CA ARG D 23 -1.10 -0.59 -35.93
C ARG D 23 -1.14 -1.72 -34.90
N ILE D 24 0.02 -2.11 -34.41
CA ILE D 24 0.09 -3.19 -33.42
C ILE D 24 0.42 -2.65 -32.03
N GLY D 25 -0.39 -3.05 -31.06
CA GLY D 25 -0.17 -2.63 -29.68
C GLY D 25 0.40 -3.82 -28.93
N ASN D 26 1.55 -3.62 -28.29
CA ASN D 26 2.21 -4.71 -27.57
C ASN D 26 3.44 -4.18 -26.81
N GLY D 27 3.88 -4.94 -25.83
CA GLY D 27 5.04 -4.51 -25.05
C GLY D 27 6.30 -5.31 -25.26
N GLY D 28 6.51 -6.32 -24.40
CA GLY D 28 7.69 -7.16 -24.45
C GLY D 28 8.24 -7.59 -25.81
N ALA D 29 7.36 -7.99 -26.72
CA ALA D 29 7.80 -8.42 -28.04
C ALA D 29 8.29 -7.24 -28.86
N GLY D 30 7.80 -6.06 -28.52
CA GLY D 30 8.22 -4.86 -29.24
C GLY D 30 9.64 -4.50 -28.85
N GLN D 31 9.86 -4.32 -27.55
CA GLN D 31 11.18 -3.95 -27.06
C GLN D 31 12.26 -4.92 -27.53
N SER D 32 11.89 -6.20 -27.63
CA SER D 32 12.85 -7.21 -28.08
C SER D 32 13.25 -6.90 -29.53
N GLY D 33 12.39 -7.28 -30.47
CA GLY D 33 12.69 -7.02 -31.86
C GLY D 33 11.74 -7.77 -32.78
N LEU D 34 11.00 -8.71 -32.19
CA LEU D 34 10.05 -9.53 -32.94
C LEU D 34 9.01 -8.67 -33.65
N VAL D 35 8.48 -7.67 -32.96
CA VAL D 35 7.48 -6.79 -33.54
C VAL D 35 7.98 -6.18 -34.86
N LYS D 36 9.30 -6.05 -34.98
CA LYS D 36 9.90 -5.51 -36.19
C LYS D 36 9.98 -6.62 -37.24
N GLU D 37 10.68 -7.70 -36.89
CA GLU D 37 10.84 -8.82 -37.81
C GLU D 37 9.50 -9.39 -38.25
N LEU D 38 8.52 -9.34 -37.35
CA LEU D 38 7.19 -9.86 -37.64
C LEU D 38 6.40 -8.92 -38.56
N ALA D 39 6.73 -7.63 -38.52
CA ALA D 39 6.06 -6.66 -39.36
C ALA D 39 6.69 -6.62 -40.75
N ASP D 40 8.02 -6.53 -40.79
CA ASP D 40 8.74 -6.50 -42.05
C ASP D 40 8.43 -7.71 -42.92
N ALA D 41 8.08 -8.82 -42.27
CA ALA D 41 7.75 -10.05 -42.98
C ALA D 41 6.31 -10.03 -43.48
N PHE D 42 5.48 -9.20 -42.87
CA PHE D 42 4.08 -9.07 -43.26
C PHE D 42 4.01 -8.06 -44.40
N ILE D 43 5.10 -7.33 -44.60
CA ILE D 43 5.18 -6.35 -45.66
C ILE D 43 5.90 -7.00 -46.84
N LYS D 44 6.93 -7.79 -46.55
CA LYS D 44 7.67 -8.47 -47.61
C LYS D 44 6.77 -9.50 -48.28
N SER D 45 5.97 -10.20 -47.48
CA SER D 45 5.06 -11.21 -48.00
C SER D 45 3.96 -10.57 -48.84
N LYS D 46 3.62 -9.32 -48.52
CA LYS D 46 2.59 -8.60 -49.24
C LYS D 46 3.08 -7.90 -50.50
N VAL D 47 4.15 -7.10 -50.36
CA VAL D 47 4.69 -6.37 -51.49
C VAL D 47 5.20 -7.32 -52.58
N ASP D 48 5.59 -8.53 -52.17
CA ASP D 48 6.08 -9.53 -53.11
C ASP D 48 4.90 -10.31 -53.67
N SER D 49 3.79 -10.31 -52.92
CA SER D 49 2.58 -11.02 -53.32
C SER D 49 1.31 -10.19 -53.42
N GLY D 50 0.98 -9.76 -54.63
CA GLY D 50 -0.23 -9.00 -54.89
C GLY D 50 -0.48 -7.92 -53.83
N PHE D 54 3.47 -1.02 -47.80
CA PHE D 54 2.80 -0.28 -46.73
C PHE D 54 3.58 -0.37 -45.42
N LYS D 55 3.37 0.61 -44.56
CA LYS D 55 4.05 0.67 -43.26
C LYS D 55 3.23 -0.01 -42.17
N VAL D 56 3.91 -0.41 -41.09
CA VAL D 56 3.27 -1.06 -39.95
C VAL D 56 3.73 -0.36 -38.67
N ALA D 57 2.85 0.46 -38.10
CA ALA D 57 3.17 1.18 -36.88
C ALA D 57 2.99 0.30 -35.64
N TRP D 58 3.72 0.62 -34.58
CA TRP D 58 3.67 -0.14 -33.35
C TRP D 58 3.56 0.75 -32.11
N TYR D 59 2.54 0.48 -31.30
CA TYR D 59 2.31 1.23 -30.07
C TYR D 59 2.85 0.43 -28.90
N LYS D 60 3.80 1.02 -28.20
CA LYS D 60 4.42 0.38 -27.05
C LYS D 60 3.48 0.49 -25.85
N SER D 61 3.07 -0.65 -25.32
CA SER D 61 2.16 -0.69 -24.18
C SER D 61 1.94 -2.11 -23.67
N ASP D 62 1.64 -2.24 -22.39
CA ASP D 62 1.40 -3.53 -21.77
C ASP D 62 -0.02 -4.04 -22.06
N THR D 63 -0.37 -5.15 -21.42
CA THR D 63 -1.68 -5.77 -21.61
C THR D 63 -2.88 -4.83 -21.47
N THR D 64 -3.08 -4.33 -20.25
CA THR D 64 -4.20 -3.44 -19.96
C THR D 64 -4.31 -2.27 -20.94
N VAL D 65 -3.20 -1.59 -21.19
CA VAL D 65 -3.21 -0.46 -22.10
C VAL D 65 -3.48 -0.88 -23.54
N THR D 66 -2.96 -2.05 -23.93
CA THR D 66 -3.19 -2.54 -25.27
C THR D 66 -4.68 -2.79 -25.50
N ILE D 67 -5.34 -3.41 -24.53
CA ILE D 67 -6.76 -3.70 -24.65
C ILE D 67 -7.57 -2.41 -24.82
N ASN D 68 -7.22 -1.38 -24.05
CA ASN D 68 -7.93 -0.11 -24.15
C ASN D 68 -7.57 0.57 -25.47
N TYR D 69 -6.36 0.32 -25.94
CA TYR D 69 -5.89 0.88 -27.20
C TYR D 69 -6.85 0.37 -28.27
N LEU D 70 -7.12 -0.93 -28.21
CA LEU D 70 -8.03 -1.58 -29.15
C LEU D 70 -9.46 -1.09 -28.95
N LYS D 71 -9.79 -0.77 -27.70
CA LYS D 71 -11.12 -0.28 -27.37
C LYS D 71 -11.40 1.04 -28.07
N ASP D 72 -10.48 2.00 -27.93
CA ASP D 72 -10.64 3.30 -28.54
C ASP D 72 -10.07 3.39 -29.94
N GLY D 73 -9.81 2.23 -30.54
CA GLY D 73 -9.28 2.19 -31.90
C GLY D 73 -7.93 2.83 -32.13
N ILE D 74 -7.03 2.70 -31.17
CA ILE D 74 -5.68 3.27 -31.29
C ILE D 74 -4.78 2.31 -32.08
N VAL D 75 -4.95 1.02 -31.83
CA VAL D 75 -4.18 0.01 -32.52
C VAL D 75 -5.16 -0.89 -33.25
N ASP D 76 -4.70 -1.54 -34.32
CA ASP D 76 -5.57 -2.42 -35.08
C ASP D 76 -5.64 -3.79 -34.41
N VAL D 77 -4.48 -4.34 -34.10
CA VAL D 77 -4.40 -5.64 -33.45
C VAL D 77 -3.45 -5.53 -32.26
N GLY D 78 -3.62 -6.43 -31.30
CA GLY D 78 -2.75 -6.39 -30.13
C GLY D 78 -2.24 -7.74 -29.66
N ILE D 79 -1.02 -7.72 -29.16
CA ILE D 79 -0.39 -8.92 -28.63
C ILE D 79 -0.37 -8.69 -27.12
N THR D 80 -1.08 -9.53 -26.38
CA THR D 80 -1.16 -9.40 -24.92
C THR D 80 -0.70 -10.65 -24.19
N TYR D 81 -0.73 -10.61 -22.86
CA TYR D 81 -0.27 -11.74 -22.06
C TYR D 81 -1.20 -12.08 -20.89
N SER D 82 -2.50 -12.23 -21.17
CA SER D 82 -3.46 -12.56 -20.11
C SER D 82 -4.71 -13.24 -20.68
N PRO D 83 -4.77 -14.57 -20.61
CA PRO D 83 -5.93 -15.33 -21.12
C PRO D 83 -7.27 -14.83 -20.58
N VAL D 84 -7.32 -14.42 -19.32
CA VAL D 84 -8.57 -13.96 -18.74
C VAL D 84 -8.98 -12.58 -19.22
N ALA D 85 -7.99 -11.71 -19.41
CA ALA D 85 -8.24 -10.33 -19.83
C ALA D 85 -8.58 -10.31 -21.32
N GLU D 86 -8.02 -11.25 -22.06
CA GLU D 86 -8.26 -11.35 -23.48
C GLU D 86 -9.68 -11.86 -23.69
N ARG D 87 -10.12 -12.75 -22.81
CA ARG D 87 -11.45 -13.32 -22.86
C ARG D 87 -12.45 -12.25 -22.44
N ILE D 88 -12.21 -11.64 -21.27
CA ILE D 88 -13.07 -10.57 -20.78
C ILE D 88 -13.19 -9.55 -21.90
N SER D 89 -12.06 -9.26 -22.53
CA SER D 89 -11.99 -8.32 -23.64
C SER D 89 -13.05 -8.64 -24.70
N ILE D 90 -13.18 -9.91 -25.03
CA ILE D 90 -14.13 -10.36 -26.03
C ILE D 90 -15.58 -10.25 -25.57
N LYS D 91 -15.86 -10.70 -24.35
CA LYS D 91 -17.21 -10.63 -23.82
C LYS D 91 -17.70 -9.18 -23.83
N HIS D 92 -16.76 -8.24 -23.69
CA HIS D 92 -17.11 -6.83 -23.70
C HIS D 92 -17.11 -6.31 -25.13
N GLY D 93 -16.99 -7.23 -26.08
CA GLY D 93 -16.99 -6.86 -27.49
C GLY D 93 -15.82 -6.02 -27.92
N ILE D 94 -14.82 -5.88 -27.06
CA ILE D 94 -13.65 -5.09 -27.40
C ILE D 94 -12.85 -5.80 -28.49
N SER D 95 -13.01 -7.13 -28.56
CA SER D 95 -12.33 -7.95 -29.55
C SER D 95 -13.29 -8.98 -30.14
N GLU D 96 -12.83 -9.73 -31.15
CA GLU D 96 -13.70 -10.72 -31.77
C GLU D 96 -13.34 -12.18 -31.44
N SER D 97 -13.83 -13.07 -32.29
CA SER D 97 -13.58 -14.49 -32.18
C SER D 97 -12.69 -14.89 -33.34
N PRO D 98 -11.60 -15.62 -33.06
CA PRO D 98 -11.24 -16.07 -31.71
C PRO D 98 -9.99 -15.31 -31.26
N SER D 99 -9.33 -15.85 -30.24
CA SER D 99 -8.08 -15.26 -29.77
C SER D 99 -7.10 -16.05 -30.62
N TYR D 100 -5.93 -15.50 -30.90
CA TYR D 100 -4.96 -16.21 -31.71
C TYR D 100 -3.66 -16.46 -30.94
N TYR D 101 -3.41 -17.71 -30.59
CA TYR D 101 -2.20 -18.07 -29.86
C TYR D 101 -1.00 -17.65 -30.72
N ALA D 102 -0.40 -16.51 -30.39
CA ALA D 102 0.74 -16.01 -31.14
C ALA D 102 1.95 -16.90 -30.92
N PHE D 103 2.47 -16.90 -29.69
CA PHE D 103 3.61 -17.73 -29.34
C PHE D 103 3.61 -18.04 -27.85
N ARG D 104 4.71 -18.59 -27.36
CA ARG D 104 4.81 -18.94 -25.95
C ARG D 104 6.03 -18.31 -25.29
N ASP D 105 5.78 -17.38 -24.37
CA ASP D 105 6.85 -16.71 -23.64
C ASP D 105 7.11 -17.53 -22.38
N HIS D 106 8.24 -17.29 -21.72
CA HIS D 106 8.59 -18.04 -20.53
C HIS D 106 9.00 -17.20 -19.33
N PHE D 107 8.36 -17.44 -18.19
CA PHE D 107 8.72 -16.73 -16.97
C PHE D 107 9.83 -17.55 -16.34
N MSE D 108 10.62 -16.94 -15.48
CA MSE D 108 11.71 -17.65 -14.84
C MSE D 108 11.93 -17.17 -13.42
O MSE D 108 11.69 -16.01 -13.11
CB MSE D 108 13.03 -17.46 -15.59
CG MSE D 108 13.02 -17.76 -17.07
SE MSE D 108 14.85 -17.62 -17.72
CE MSE D 108 15.22 -15.82 -17.17
N LEU D 109 12.41 -18.08 -12.58
CA LEU D 109 12.74 -17.73 -11.20
C LEU D 109 14.26 -17.72 -11.19
N ILE D 110 14.85 -16.56 -10.92
CA ILE D 110 16.29 -16.45 -10.87
C ILE D 110 16.67 -16.05 -9.46
N GLY D 111 17.93 -16.23 -9.10
CA GLY D 111 18.37 -15.87 -7.77
C GLY D 111 19.88 -15.80 -7.67
N PRO D 112 20.44 -15.45 -6.50
CA PRO D 112 21.88 -15.35 -6.33
C PRO D 112 22.61 -16.70 -6.34
N PRO D 113 23.84 -16.72 -6.87
CA PRO D 113 24.66 -17.93 -6.96
C PRO D 113 24.73 -18.63 -5.62
N SER D 114 24.87 -17.85 -4.57
CA SER D 114 24.94 -18.38 -3.20
C SER D 114 23.71 -19.20 -2.81
N ASN D 115 22.62 -19.09 -3.57
CA ASN D 115 21.40 -19.86 -3.32
C ASN D 115 21.15 -20.04 -1.81
N PRO D 116 20.93 -18.93 -1.08
CA PRO D 116 20.70 -19.02 0.37
C PRO D 116 19.43 -19.78 0.78
N ALA D 117 18.50 -19.95 -0.16
CA ALA D 117 17.27 -20.68 0.15
C ALA D 117 17.47 -22.17 -0.12
N LYS D 118 18.64 -22.52 -0.63
CA LYS D 118 18.99 -23.91 -0.96
C LYS D 118 18.03 -24.55 -1.94
N LEU D 119 17.65 -23.82 -2.98
CA LEU D 119 16.72 -24.37 -3.97
C LEU D 119 17.38 -25.45 -4.82
N SER D 120 16.62 -26.53 -5.09
CA SER D 120 17.13 -27.61 -5.92
C SER D 120 16.38 -27.60 -7.26
N GLY D 121 17.14 -27.55 -8.34
CA GLY D 121 16.56 -27.52 -9.67
C GLY D 121 15.58 -28.63 -10.00
N ASP D 122 15.38 -29.57 -9.07
CA ASP D 122 14.47 -30.67 -9.29
C ASP D 122 13.02 -30.38 -8.91
N SER D 123 12.83 -29.75 -7.75
CA SER D 123 11.51 -29.40 -7.24
C SER D 123 10.67 -28.62 -8.24
N ASP D 124 9.35 -28.65 -8.06
CA ASP D 124 8.49 -27.89 -8.97
C ASP D 124 8.48 -26.47 -8.42
N ILE D 125 7.97 -25.54 -9.21
CA ILE D 125 7.93 -24.15 -8.83
C ILE D 125 7.25 -23.85 -7.49
N ALA D 126 6.17 -24.57 -7.17
CA ALA D 126 5.46 -24.33 -5.91
C ALA D 126 6.32 -24.65 -4.70
N ASP D 127 7.05 -25.75 -4.77
CA ASP D 127 7.90 -26.15 -3.67
C ASP D 127 9.07 -25.18 -3.52
N MSE D 128 9.47 -24.57 -4.61
CA MSE D 128 10.56 -23.59 -4.53
C MSE D 128 10.07 -22.38 -3.74
O MSE D 128 10.79 -21.86 -2.89
CB MSE D 128 11.02 -23.18 -5.92
CG MSE D 128 12.14 -24.06 -6.48
SE MSE D 128 12.63 -23.61 -8.28
CE MSE D 128 13.51 -25.30 -8.74
N PHE D 129 8.85 -21.94 -4.01
CA PHE D 129 8.32 -20.78 -3.30
C PHE D 129 8.17 -21.08 -1.82
N SER D 130 7.70 -22.27 -1.48
CA SER D 130 7.55 -22.65 -0.08
C SER D 130 8.91 -22.68 0.60
N LYS D 131 9.93 -23.11 -0.14
CA LYS D 131 11.29 -23.18 0.39
C LYS D 131 11.85 -21.78 0.64
N MSE D 132 11.51 -20.83 -0.23
CA MSE D 132 11.97 -19.46 -0.06
C MSE D 132 11.28 -18.85 1.16
O MSE D 132 11.93 -18.26 2.02
CB MSE D 132 11.67 -18.63 -1.31
CG MSE D 132 12.65 -18.87 -2.45
SE MSE D 132 12.36 -17.72 -4.01
CE MSE D 132 12.39 -16.03 -3.08
N HIS D 133 9.96 -19.00 1.25
CA HIS D 133 9.20 -18.46 2.36
C HIS D 133 9.74 -18.90 3.71
N ASP D 134 9.95 -20.20 3.87
CA ASP D 134 10.45 -20.73 5.13
C ASP D 134 11.87 -20.23 5.44
N ALA D 135 12.73 -20.19 4.42
CA ALA D 135 14.10 -19.73 4.63
C ALA D 135 14.08 -18.23 4.97
N ALA D 136 13.25 -17.48 4.26
CA ALA D 136 13.13 -16.04 4.50
C ALA D 136 12.65 -15.77 5.92
N GLU D 137 11.67 -16.55 6.37
CA GLU D 137 11.12 -16.40 7.71
C GLU D 137 12.14 -16.71 8.82
N ALA D 138 13.04 -17.65 8.54
CA ALA D 138 14.07 -18.03 9.51
C ALA D 138 15.15 -16.94 9.52
N GLY D 139 15.25 -16.24 8.40
CA GLY D 139 16.22 -15.16 8.24
C GLY D 139 17.60 -15.31 8.83
N ASN D 140 18.18 -16.50 8.76
CA ASN D 140 19.50 -16.70 9.32
C ASN D 140 20.54 -17.13 8.28
N THR D 141 20.23 -16.95 7.00
CA THR D 141 21.16 -17.32 5.94
C THR D 141 22.02 -16.14 5.53
N LYS D 142 23.07 -16.42 4.78
CA LYS D 142 23.96 -15.38 4.30
C LYS D 142 24.13 -15.54 2.79
N PRO D 143 23.58 -14.59 2.01
CA PRO D 143 22.84 -13.41 2.43
C PRO D 143 21.40 -13.79 2.79
N PRO D 144 20.63 -12.84 3.35
CA PRO D 144 19.24 -13.18 3.69
C PRO D 144 18.40 -13.49 2.45
N VAL D 145 17.38 -14.33 2.62
CA VAL D 145 16.51 -14.70 1.51
C VAL D 145 15.48 -13.58 1.30
N ARG D 146 15.47 -13.00 0.11
CA ARG D 146 14.53 -11.93 -0.22
C ARG D 146 13.97 -12.16 -1.61
N PHE D 147 12.74 -11.72 -1.82
CA PHE D 147 12.08 -11.86 -3.11
C PHE D 147 11.69 -10.51 -3.63
N LEU D 148 12.12 -10.19 -4.86
CA LEU D 148 11.82 -8.90 -5.44
C LEU D 148 10.55 -8.94 -6.29
N SER D 149 9.62 -8.06 -5.92
CA SER D 149 8.33 -7.94 -6.60
C SER D 149 8.23 -6.57 -7.26
N ARG D 150 7.76 -6.53 -8.50
CA ARG D 150 7.59 -5.26 -9.19
C ARG D 150 6.37 -4.52 -8.65
N TYR D 151 5.52 -5.25 -7.92
CA TYR D 151 4.33 -4.69 -7.27
C TYR D 151 3.69 -3.57 -8.09
N ASP D 152 3.41 -3.86 -9.37
CA ASP D 152 2.86 -2.85 -10.28
C ASP D 152 1.69 -3.29 -11.15
N LYS D 153 0.95 -4.30 -10.72
CA LYS D 153 -0.20 -4.81 -11.48
C LYS D 153 0.13 -5.46 -12.82
N SER D 154 1.42 -5.60 -13.14
CA SER D 154 1.84 -6.21 -14.40
C SER D 154 1.60 -7.73 -14.45
N ALA D 155 1.77 -8.32 -15.62
CA ALA D 155 1.57 -9.76 -15.75
C ALA D 155 2.55 -10.48 -14.82
N THR D 156 3.78 -9.96 -14.72
CA THR D 156 4.78 -10.55 -13.86
C THR D 156 4.37 -10.48 -12.39
N ASN D 157 3.80 -9.35 -11.99
CA ASN D 157 3.34 -9.17 -10.61
C ASN D 157 2.19 -10.15 -10.38
N ILE D 158 1.29 -10.24 -11.36
CA ILE D 158 0.17 -11.19 -11.27
C ILE D 158 0.67 -12.62 -11.07
N LYS D 159 1.71 -13.02 -11.80
CA LYS D 159 2.20 -14.39 -11.71
C LYS D 159 2.83 -14.71 -10.35
N GLU D 160 3.71 -13.86 -9.86
CA GLU D 160 4.30 -14.17 -8.57
C GLU D 160 3.27 -14.13 -7.45
N ALA D 161 2.31 -13.20 -7.60
CA ALA D 161 1.30 -13.02 -6.55
C ALA D 161 0.54 -14.32 -6.55
N GLU D 162 0.28 -14.84 -7.76
CA GLU D 162 -0.40 -16.10 -7.92
C GLU D 162 0.37 -17.23 -7.25
N LEU D 163 1.68 -17.24 -7.45
CA LEU D 163 2.56 -18.28 -6.91
C LEU D 163 2.57 -18.27 -5.39
N TRP D 164 2.65 -17.09 -4.80
CA TRP D 164 2.65 -17.02 -3.33
C TRP D 164 1.32 -17.56 -2.80
N LEU D 165 0.22 -17.18 -3.43
CA LEU D 165 -1.09 -17.64 -3.01
C LEU D 165 -1.25 -19.15 -3.25
N SER D 166 -0.48 -19.69 -4.19
CA SER D 166 -0.56 -21.12 -4.49
C SER D 166 -0.01 -21.97 -3.35
N ILE D 167 0.71 -21.33 -2.42
CA ILE D 167 1.23 -22.07 -1.27
C ILE D 167 0.60 -21.56 0.03
N GLY D 168 -0.53 -20.87 -0.10
CA GLY D 168 -1.23 -20.35 1.05
C GLY D 168 -0.58 -19.19 1.79
N GLN D 169 0.14 -18.33 1.06
CA GLN D 169 0.83 -17.19 1.65
C GLN D 169 0.39 -15.87 1.02
N VAL D 170 0.36 -14.81 1.84
CA VAL D 170 -0.02 -13.48 1.37
C VAL D 170 1.03 -12.53 1.95
N PRO D 171 2.26 -12.56 1.39
CA PRO D 171 3.40 -11.75 1.81
C PRO D 171 3.10 -10.27 2.01
N TRP D 172 2.34 -9.70 1.08
CA TRP D 172 1.99 -8.27 1.12
C TRP D 172 0.97 -7.86 2.18
N ALA D 173 0.16 -8.82 2.65
CA ALA D 173 -0.87 -8.52 3.67
C ALA D 173 -0.26 -8.29 5.04
N THR D 174 -1.03 -7.67 5.95
CA THR D 174 -0.48 -7.36 7.27
C THR D 174 0.03 -8.49 8.09
N ALA D 175 1.16 -8.11 8.67
CA ALA D 175 2.07 -8.92 9.40
C ALA D 175 2.85 -8.89 8.09
N TYR D 176 3.13 -7.68 7.59
CA TYR D 176 3.84 -7.53 6.32
C TYR D 176 5.14 -8.33 6.34
N SER D 177 5.34 -9.15 5.31
CA SER D 177 6.56 -9.95 5.21
C SER D 177 7.66 -9.03 4.65
N THR D 178 8.56 -8.56 5.51
CA THR D 178 9.61 -7.64 5.09
C THR D 178 10.60 -8.11 4.02
N TRP D 179 10.71 -9.43 3.83
CA TRP D 179 11.60 -9.99 2.81
C TRP D 179 10.95 -9.90 1.43
N TYR D 180 9.67 -9.55 1.39
CA TYR D 180 8.94 -9.39 0.12
C TYR D 180 9.28 -7.95 -0.28
N HIS D 181 10.32 -7.84 -1.09
CA HIS D 181 10.86 -6.56 -1.54
C HIS D 181 10.15 -5.90 -2.70
N GLN D 182 9.57 -4.74 -2.41
CA GLN D 182 8.89 -3.98 -3.44
C GLN D 182 9.90 -3.06 -4.13
N TYR D 183 10.09 -3.28 -5.43
CA TYR D 183 10.99 -2.46 -6.25
C TYR D 183 10.16 -2.21 -7.50
N ILE D 184 9.39 -1.12 -7.46
CA ILE D 184 8.45 -0.75 -8.51
C ILE D 184 9.03 -0.06 -9.75
N THR D 185 9.42 -0.86 -10.73
CA THR D 185 9.99 -0.37 -11.98
C THR D 185 9.69 -1.38 -13.09
N PHE D 186 10.29 -1.15 -14.26
CA PHE D 186 10.10 -2.02 -15.41
C PHE D 186 10.99 -3.27 -15.31
N PRO D 187 10.72 -4.30 -16.14
CA PRO D 187 11.45 -5.56 -16.16
C PRO D 187 12.98 -5.54 -16.05
N ILE D 188 13.64 -4.85 -16.98
CA ILE D 188 15.09 -4.79 -16.97
C ILE D 188 15.66 -4.16 -15.71
N GLN D 189 15.07 -3.04 -15.27
CA GLN D 189 15.56 -2.40 -14.05
C GLN D 189 15.32 -3.30 -12.84
N ALA D 190 14.14 -3.91 -12.78
CA ALA D 190 13.80 -4.79 -11.66
C ALA D 190 14.73 -5.99 -11.63
N LEU D 191 15.01 -6.56 -12.79
CA LEU D 191 15.91 -7.70 -12.87
C LEU D 191 17.30 -7.29 -12.43
N THR D 192 17.80 -6.16 -12.93
CA THR D 192 19.13 -5.69 -12.56
C THR D 192 19.22 -5.54 -11.04
N ALA D 193 18.19 -4.94 -10.45
CA ALA D 193 18.15 -4.75 -9.00
C ALA D 193 18.26 -6.07 -8.27
N ALA D 194 17.43 -7.03 -8.67
CA ALA D 194 17.43 -8.35 -8.04
C ALA D 194 18.82 -8.95 -8.03
N ILE D 195 19.48 -8.90 -9.18
CA ILE D 195 20.83 -9.44 -9.29
C ILE D 195 21.79 -8.70 -8.39
N LEU D 196 21.81 -7.37 -8.46
CA LEU D 196 22.70 -6.58 -7.62
C LEU D 196 22.45 -6.79 -6.14
N LEU D 197 21.19 -6.98 -5.76
CA LEU D 197 20.86 -7.18 -4.35
C LEU D 197 20.91 -8.64 -3.91
N ARG D 198 21.20 -9.55 -4.83
CA ARG D 198 21.26 -10.97 -4.51
C ARG D 198 19.90 -11.43 -3.95
N GLU D 199 18.86 -11.15 -4.71
CA GLU D 199 17.51 -11.55 -4.31
C GLU D 199 16.94 -12.44 -5.39
N TYR D 200 15.95 -13.24 -5.02
CA TYR D 200 15.26 -14.11 -5.95
C TYR D 200 14.17 -13.25 -6.56
N THR D 201 13.77 -13.56 -7.78
CA THR D 201 12.72 -12.81 -8.44
C THR D 201 12.19 -13.59 -9.63
N ILE D 202 10.98 -13.24 -10.06
CA ILE D 202 10.36 -13.85 -11.20
C ILE D 202 10.53 -12.82 -12.31
N THR D 203 11.14 -13.23 -13.42
CA THR D 203 11.35 -12.35 -14.57
C THR D 203 11.02 -13.17 -15.81
N ASP D 204 11.37 -12.68 -17.00
CA ASP D 204 11.07 -13.44 -18.21
C ASP D 204 12.34 -13.63 -19.01
N TYR D 205 12.35 -14.66 -19.86
CA TYR D 205 13.51 -14.99 -20.68
C TYR D 205 14.08 -13.79 -21.43
N GLY D 206 13.23 -13.06 -22.14
CA GLY D 206 13.69 -11.91 -22.89
C GLY D 206 14.41 -10.87 -22.04
N THR D 207 13.84 -10.53 -20.90
CA THR D 207 14.44 -9.54 -20.00
C THR D 207 15.83 -10.04 -19.63
N TYR D 208 15.92 -11.33 -19.32
CA TYR D 208 17.18 -11.96 -18.97
C TYR D 208 18.19 -11.75 -20.09
N LEU D 209 17.77 -11.98 -21.33
CA LEU D 209 18.65 -11.82 -22.48
C LEU D 209 19.04 -10.36 -22.72
N SER D 210 18.18 -9.46 -22.28
CA SER D 210 18.39 -8.03 -22.46
C SER D 210 19.36 -7.33 -21.50
N ILE D 211 19.92 -8.07 -20.54
CA ILE D 211 20.87 -7.46 -19.62
C ILE D 211 22.30 -7.85 -19.96
N PRO D 212 23.28 -7.03 -19.54
CA PRO D 212 24.70 -7.31 -19.80
C PRO D 212 25.10 -8.69 -19.31
N ARG D 213 25.81 -9.44 -20.15
CA ARG D 213 26.25 -10.78 -19.75
C ARG D 213 27.06 -10.69 -18.46
N GLY D 214 27.63 -9.53 -18.21
CA GLY D 214 28.41 -9.33 -17.00
C GLY D 214 27.54 -9.43 -15.76
N LEU D 215 26.23 -9.24 -15.92
CA LEU D 215 25.31 -9.34 -14.78
C LEU D 215 24.75 -10.74 -14.62
N ARG D 216 24.46 -11.39 -15.74
CA ARG D 216 23.92 -12.75 -15.70
C ARG D 216 24.88 -13.68 -14.98
N ASP D 217 26.17 -13.44 -15.14
CA ASP D 217 27.19 -14.27 -14.48
C ASP D 217 27.05 -14.14 -12.97
N GLN D 218 26.29 -13.14 -12.54
CA GLN D 218 26.11 -12.91 -11.11
C GLN D 218 24.80 -13.47 -10.57
N MSE D 219 24.13 -14.30 -11.38
CA MSE D 219 22.87 -14.92 -10.98
C MSE D 219 22.73 -16.31 -11.60
O MSE D 219 23.46 -16.68 -12.53
CB MSE D 219 21.69 -14.05 -11.43
CG MSE D 219 21.76 -13.62 -12.89
SE MSE D 219 20.05 -13.62 -13.75
CE MSE D 219 19.92 -15.53 -14.09
N VAL D 220 21.78 -17.08 -11.08
CA VAL D 220 21.52 -18.44 -11.57
C VAL D 220 20.04 -18.62 -11.89
N ILE D 221 19.75 -19.35 -12.97
CA ILE D 221 18.36 -19.62 -13.33
C ILE D 221 17.94 -20.86 -12.55
N TYR D 222 17.00 -20.70 -11.63
CA TYR D 222 16.51 -21.80 -10.82
C TYR D 222 15.34 -22.55 -11.46
N LYS D 223 14.60 -21.86 -12.31
CA LYS D 223 13.48 -22.49 -13.00
C LYS D 223 13.05 -21.64 -14.20
N LYS D 224 12.94 -22.28 -15.34
CA LYS D 224 12.51 -21.61 -16.57
C LYS D 224 11.25 -22.30 -17.07
N GLY D 225 10.23 -21.51 -17.39
CA GLY D 225 9.00 -22.09 -17.88
C GLY D 225 9.17 -22.99 -19.08
N THR D 226 8.46 -24.11 -19.09
CA THR D 226 8.50 -25.05 -20.21
C THR D 226 7.25 -24.75 -21.02
N ASN D 227 7.02 -25.51 -22.08
CA ASN D 227 5.84 -25.26 -22.90
C ASN D 227 4.63 -26.10 -22.49
N ASP D 228 4.76 -26.88 -21.42
CA ASP D 228 3.64 -27.69 -20.95
C ASP D 228 2.45 -26.79 -20.66
N ALA D 229 1.28 -27.20 -21.10
CA ALA D 229 0.05 -26.44 -20.91
C ALA D 229 -0.20 -26.00 -19.47
N ASP D 230 0.02 -26.90 -18.52
CA ASP D 230 -0.22 -26.56 -17.11
C ASP D 230 0.99 -26.02 -16.35
N ASP D 231 2.07 -25.67 -17.06
CA ASP D 231 3.24 -25.14 -16.38
C ASP D 231 2.86 -23.74 -15.89
N PRO D 232 3.08 -23.45 -14.60
CA PRO D 232 2.74 -22.10 -14.10
C PRO D 232 3.61 -21.01 -14.72
N LEU D 233 4.84 -21.35 -15.05
CA LEU D 233 5.76 -20.38 -15.62
C LEU D 233 5.63 -20.19 -17.13
N LEU D 234 4.59 -20.78 -17.72
CA LEU D 234 4.33 -20.64 -19.15
C LEU D 234 3.57 -19.34 -19.35
N ASN D 235 4.11 -18.45 -20.18
CA ASN D 235 3.45 -17.18 -20.43
C ASN D 235 3.05 -17.01 -21.89
N PRO D 236 1.78 -17.33 -22.20
CA PRO D 236 1.26 -17.24 -23.56
C PRO D 236 1.01 -15.82 -24.06
N ALA D 237 1.23 -15.62 -25.36
CA ALA D 237 1.02 -14.33 -26.00
C ALA D 237 -0.08 -14.55 -27.03
N HIS D 238 -1.18 -13.82 -26.90
CA HIS D 238 -2.28 -13.96 -27.83
C HIS D 238 -2.51 -12.72 -28.69
N LEU D 239 -3.03 -12.96 -29.90
CA LEU D 239 -3.30 -11.89 -30.86
C LEU D 239 -4.77 -11.48 -30.79
N LEU D 240 -5.00 -10.20 -30.54
CA LEU D 240 -6.35 -9.67 -30.47
C LEU D 240 -6.59 -8.64 -31.56
N VAL D 241 -7.74 -8.76 -32.22
CA VAL D 241 -8.12 -7.81 -33.26
C VAL D 241 -9.25 -6.97 -32.70
N GLY D 242 -9.15 -5.65 -32.84
CA GLY D 242 -10.19 -4.79 -32.32
C GLY D 242 -11.44 -4.91 -33.16
N ALA D 243 -12.56 -5.23 -32.51
CA ALA D 243 -13.83 -5.37 -33.22
C ALA D 243 -14.20 -4.01 -33.81
N ARG D 244 -13.77 -2.96 -33.14
CA ARG D 244 -14.01 -1.58 -33.58
C ARG D 244 -12.69 -1.00 -34.04
N ALA D 245 -11.98 -1.74 -34.88
CA ALA D 245 -10.69 -1.29 -35.39
C ALA D 245 -10.74 -1.01 -36.88
N LYS D 246 -9.84 -0.15 -37.34
CA LYS D 246 -9.78 0.18 -38.76
C LYS D 246 -8.79 -0.80 -39.38
N ASN D 247 -8.62 -0.73 -40.71
CA ASN D 247 -7.71 -1.64 -41.38
C ASN D 247 -8.16 -3.06 -41.08
N ALA D 248 -9.43 -3.20 -40.71
CA ALA D 248 -10.03 -4.49 -40.38
C ALA D 248 -9.65 -5.57 -41.39
N GLU D 249 -9.67 -5.21 -42.67
CA GLU D 249 -9.33 -6.15 -43.74
C GLU D 249 -8.00 -6.83 -43.43
N MSE D 250 -6.95 -6.02 -43.37
CA MSE D 250 -5.61 -6.50 -43.11
C MSE D 250 -5.40 -7.17 -41.76
O MSE D 250 -4.69 -8.17 -41.65
CB MSE D 250 -4.62 -5.34 -43.24
CG MSE D 250 -4.35 -4.95 -44.67
SE MSE D 250 -2.53 -5.32 -45.14
CE MSE D 250 -2.37 -4.00 -46.55
N ALA D 251 -6.01 -6.60 -40.72
CA ALA D 251 -5.88 -7.14 -39.37
C ALA D 251 -6.13 -8.63 -39.33
N LYS D 252 -7.06 -9.11 -40.15
CA LYS D 252 -7.35 -10.55 -40.18
C LYS D 252 -6.32 -11.26 -41.04
N GLU D 253 -5.88 -10.58 -42.09
CA GLU D 253 -4.86 -11.13 -42.99
C GLU D 253 -3.59 -11.36 -42.18
N PHE D 254 -3.32 -10.44 -41.25
CA PHE D 254 -2.15 -10.55 -40.38
C PHE D 254 -2.38 -11.69 -39.38
N ALA D 255 -3.58 -11.72 -38.82
CA ALA D 255 -3.97 -12.75 -37.86
C ALA D 255 -3.69 -14.16 -38.36
N LYS D 256 -4.22 -14.47 -39.53
CA LYS D 256 -4.03 -15.77 -40.13
C LYS D 256 -2.57 -15.96 -40.56
N TRP D 257 -1.93 -14.86 -40.97
CA TRP D 257 -0.53 -14.91 -41.38
C TRP D 257 0.36 -15.24 -40.18
N LEU D 258 0.01 -14.64 -39.05
CA LEU D 258 0.76 -14.83 -37.82
C LEU D 258 0.78 -16.28 -37.36
N VAL D 259 -0.39 -16.91 -37.37
CA VAL D 259 -0.52 -18.30 -36.92
C VAL D 259 -0.34 -19.38 -38.00
N SER D 260 -0.28 -18.98 -39.27
CA SER D 260 -0.12 -19.96 -40.34
C SER D 260 1.23 -20.66 -40.18
N LYS D 261 1.22 -21.99 -40.26
CA LYS D 261 2.44 -22.78 -40.08
C LYS D 261 3.58 -22.52 -41.06
N GLU D 262 3.47 -21.50 -41.89
CA GLU D 262 4.53 -21.18 -42.85
C GLU D 262 4.86 -19.70 -42.94
N GLY D 263 4.26 -18.89 -42.06
CA GLY D 263 4.52 -17.46 -42.08
C GLY D 263 5.04 -16.88 -40.76
N GLY D 264 4.13 -16.34 -39.96
CA GLY D 264 4.52 -15.75 -38.69
C GLY D 264 5.14 -16.75 -37.72
N GLN D 265 4.65 -17.98 -37.76
CA GLN D 265 5.16 -19.04 -36.90
C GLN D 265 6.57 -19.44 -37.33
N LYS D 266 6.92 -19.07 -38.56
CA LYS D 266 8.22 -19.38 -39.14
C LYS D 266 9.26 -18.35 -38.71
N VAL D 267 8.82 -17.11 -38.53
CA VAL D 267 9.70 -16.02 -38.11
C VAL D 267 9.99 -16.15 -36.62
N ILE D 268 9.00 -16.68 -35.88
CA ILE D 268 9.15 -16.87 -34.45
C ILE D 268 10.16 -17.98 -34.21
N GLU D 269 9.91 -19.10 -34.89
CA GLU D 269 10.75 -20.29 -34.81
C GLU D 269 12.24 -19.96 -34.88
N GLY D 270 12.58 -18.84 -35.51
CA GLY D 270 13.96 -18.46 -35.64
C GLY D 270 14.42 -17.14 -35.07
N PHE D 271 13.49 -16.28 -34.64
CA PHE D 271 13.88 -14.98 -34.08
C PHE D 271 14.84 -15.19 -32.91
N LYS D 272 15.97 -14.48 -32.94
CA LYS D 272 16.96 -14.65 -31.88
C LYS D 272 17.50 -13.40 -31.20
N LYS D 273 18.00 -13.60 -29.99
CA LYS D 273 18.58 -12.58 -29.15
C LYS D 273 19.85 -13.21 -28.56
N ASP D 274 20.96 -12.47 -28.59
CA ASP D 274 22.24 -12.97 -28.08
C ASP D 274 22.57 -14.35 -28.66
N GLY D 275 22.00 -14.66 -29.81
CA GLY D 275 22.25 -15.94 -30.46
C GLY D 275 21.36 -17.08 -30.03
N GLN D 276 20.37 -16.81 -29.20
CA GLN D 276 19.46 -17.86 -28.74
C GLN D 276 18.03 -17.62 -29.22
N GLN D 277 17.33 -18.70 -29.54
CA GLN D 277 15.94 -18.63 -29.99
C GLN D 277 15.13 -18.03 -28.84
N LEU D 278 14.76 -16.76 -28.97
CA LEU D 278 14.02 -16.07 -27.93
C LEU D 278 12.71 -16.72 -27.50
N TYR D 279 11.80 -16.99 -28.44
CA TYR D 279 10.53 -17.60 -28.09
C TYR D 279 10.23 -18.91 -28.81
N SER D 280 9.14 -19.55 -28.37
CA SER D 280 8.68 -20.81 -28.93
C SER D 280 7.36 -20.57 -29.66
N PRO D 281 7.13 -21.27 -30.78
CA PRO D 281 5.87 -21.11 -31.53
C PRO D 281 4.68 -21.54 -30.69
N ALA D 282 3.47 -21.24 -31.17
CA ALA D 282 2.26 -21.62 -30.44
C ALA D 282 2.07 -23.14 -30.54
N PRO D 283 1.07 -23.70 -29.83
CA PRO D 283 0.81 -25.15 -29.85
C PRO D 283 0.18 -25.63 -31.16
N TYR D 284 0.47 -26.88 -31.52
CA TYR D 284 -0.08 -27.47 -32.73
C TYR D 284 -1.60 -27.48 -32.65
N ARG D 285 -2.26 -27.10 -33.74
CA ARG D 285 -3.71 -27.10 -33.78
C ARG D 285 -4.17 -28.04 -34.90
CA CA E . -7.85 17.95 2.82
CA CA F . -10.69 -16.39 8.02
CA CA G . 17.95 4.38 12.92
CA CA H . 5.19 -7.94 -17.16
#